data_3I64
#
_entry.id   3I64
#
_cell.length_a   108.031
_cell.length_b   108.031
_cell.length_c   211.854
_cell.angle_alpha   90.00
_cell.angle_beta   90.00
_cell.angle_gamma   120.00
#
_symmetry.space_group_name_H-M   'P 65'
#
loop_
_entity.id
_entity.type
_entity.pdbx_description
1 polymer O-methyltransferase
2 non-polymer S-ADENOSYL-L-HOMOCYSTEINE
3 non-polymer '1,4-dihydroxy-2-naphthoic acid'
4 non-polymer GLYCEROL
5 water water
#
_entity_poly.entity_id   1
_entity_poly.type   'polypeptide(L)'
_entity_poly.pdbx_seq_one_letter_code
;MGKRAAHIGLRALADLATPMAVRVAATLRVADHIAAGHRTAAEIASAAGAHADSLDRLLRHLVAVGLFTRDGQGVYGLTE
FGEQLRDDHAAGKRKWLDMNSAVGRGDLGFVELAHSIRTGQPAYPVRYGTSFWEDLGSDPVLSASFDTLMSHHLELDYTG
IAAKYDWAALGHVVDVGGGSGGLLSALLTAHEDLSGTVLDLQGPASAAHRRFLDTGLSGRAQVVVGSFFDPLPAGAGGYV
LSAVLHDWDDLSAVAILRRCAEAAGSGGVVLVIEAVAGDEHAGTGMDLRMLTYFGGKERSLAELGELAAQAGLAVRAAHP
ISYVSIVEMTAL
;
_entity_poly.pdbx_strand_id   A,B
#
# COMPACT_ATOMS: atom_id res chain seq x y z
N ALA A 5 3.37 -19.29 -2.25
CA ALA A 5 3.65 -19.47 -0.80
C ALA A 5 3.04 -18.35 0.05
N ALA A 6 1.70 -18.33 0.13
CA ALA A 6 0.96 -17.34 0.90
C ALA A 6 -0.50 -17.80 0.98
N HIS A 7 -0.81 -18.48 2.08
CA HIS A 7 -2.13 -19.05 2.29
C HIS A 7 -3.11 -18.06 2.91
N ILE A 8 -2.60 -17.03 3.58
CA ILE A 8 -3.47 -16.06 4.24
C ILE A 8 -4.49 -15.47 3.27
N GLY A 9 -5.68 -15.14 3.79
CA GLY A 9 -6.75 -14.58 2.98
C GLY A 9 -6.53 -13.49 1.94
N LEU A 10 -7.11 -13.68 0.77
CA LEU A 10 -6.99 -12.69 -0.30
C LEU A 10 -7.09 -11.23 0.17
N ARG A 11 -8.11 -10.93 0.97
CA ARG A 11 -8.30 -9.58 1.49
C ARG A 11 -7.08 -9.15 2.29
N ALA A 12 -6.52 -10.06 3.07
CA ALA A 12 -5.34 -9.77 3.86
C ALA A 12 -4.11 -9.62 2.98
N LEU A 13 -4.10 -10.32 1.86
CA LEU A 13 -2.98 -10.25 0.92
C LEU A 13 -2.92 -8.87 0.26
N ALA A 14 -4.10 -8.33 -0.03
CA ALA A 14 -4.25 -7.05 -0.69
C ALA A 14 -4.33 -5.89 0.28
N ASP A 15 -4.20 -6.20 1.55
CA ASP A 15 -4.28 -5.20 2.61
C ASP A 15 -3.27 -4.07 2.52
N LEU A 16 -3.76 -2.85 2.71
CA LEU A 16 -2.90 -1.68 2.68
C LEU A 16 -2.76 -1.07 4.06
N ALA A 17 -3.83 -1.10 4.85
CA ALA A 17 -3.81 -0.55 6.19
C ALA A 17 -2.57 -0.95 6.98
N THR A 18 -2.25 -2.23 7.01
CA THR A 18 -1.08 -2.66 7.77
C THR A 18 0.26 -2.15 7.26
N PRO A 19 0.58 -2.41 5.98
CA PRO A 19 1.86 -1.93 5.44
C PRO A 19 2.08 -0.44 5.72
N MET A 20 1.02 0.34 5.48
CA MET A 20 1.04 1.77 5.71
C MET A 20 1.23 2.08 7.19
N ALA A 21 0.52 1.36 8.05
CA ALA A 21 0.62 1.55 9.50
C ALA A 21 2.05 1.30 9.98
N VAL A 22 2.72 0.33 9.38
CA VAL A 22 4.10 0.03 9.75
C VAL A 22 4.99 1.18 9.31
N ARG A 23 4.84 1.59 8.05
CA ARG A 23 5.64 2.69 7.51
C ARG A 23 5.42 4.00 8.28
N VAL A 24 4.23 4.20 8.82
CA VAL A 24 3.98 5.41 9.59
C VAL A 24 4.67 5.28 10.95
N ALA A 25 4.68 4.08 11.50
CA ALA A 25 5.34 3.86 12.77
C ALA A 25 6.81 4.15 12.57
N ALA A 26 7.34 3.69 11.44
CA ALA A 26 8.74 3.93 11.14
C ALA A 26 9.00 5.43 11.08
N THR A 27 8.24 6.14 10.25
CA THR A 27 8.41 7.57 10.09
C THR A 27 8.25 8.38 11.38
N LEU A 28 7.28 8.00 12.21
CA LEU A 28 7.06 8.69 13.48
C LEU A 28 8.04 8.23 14.58
N ARG A 29 8.93 7.31 14.20
CA ARG A 29 9.91 6.81 15.14
C ARG A 29 9.29 6.35 16.45
N VAL A 30 8.09 5.82 16.34
CA VAL A 30 7.33 5.31 17.48
C VAL A 30 8.13 4.33 18.37
N ALA A 31 8.84 3.41 17.73
CA ALA A 31 9.63 2.42 18.45
C ALA A 31 10.73 3.08 19.27
N ASP A 32 11.34 4.12 18.71
CA ASP A 32 12.40 4.84 19.42
C ASP A 32 11.86 5.56 20.64
N HIS A 33 10.70 6.20 20.52
CA HIS A 33 10.12 6.90 21.64
C HIS A 33 9.69 5.94 22.74
N ILE A 34 9.33 4.72 22.38
CA ILE A 34 8.91 3.74 23.37
C ILE A 34 10.11 3.30 24.19
N ALA A 35 11.14 2.82 23.51
CA ALA A 35 12.36 2.36 24.18
C ALA A 35 13.02 3.53 24.95
N ALA A 36 12.85 4.74 24.44
CA ALA A 36 13.42 5.90 25.10
C ALA A 36 12.72 6.19 26.44
N GLY A 37 11.44 5.84 26.55
CA GLY A 37 10.75 6.08 27.80
C GLY A 37 9.33 6.61 27.74
N HIS A 38 8.80 6.87 26.54
CA HIS A 38 7.43 7.37 26.41
C HIS A 38 6.60 6.15 26.07
N ARG A 39 5.93 5.61 27.08
CA ARG A 39 5.13 4.39 26.94
C ARG A 39 3.63 4.61 26.74
N THR A 40 3.20 5.86 26.76
CA THR A 40 1.79 6.19 26.59
C THR A 40 1.48 6.95 25.33
N ALA A 41 0.36 6.60 24.69
CA ALA A 41 -0.06 7.25 23.45
C ALA A 41 0.14 8.76 23.56
N ALA A 42 -0.44 9.37 24.60
CA ALA A 42 -0.31 10.80 24.82
C ALA A 42 1.16 11.24 24.81
N GLU A 43 2.01 10.48 25.50
CA GLU A 43 3.43 10.79 25.58
C GLU A 43 4.13 10.61 24.24
N ILE A 44 4.08 9.38 23.74
CA ILE A 44 4.71 9.02 22.48
C ILE A 44 4.23 9.90 21.34
N ALA A 45 2.98 10.35 21.41
CA ALA A 45 2.45 11.21 20.37
C ALA A 45 3.01 12.62 20.52
N SER A 46 3.14 13.08 21.75
CA SER A 46 3.67 14.42 22.01
C SER A 46 5.15 14.42 21.67
N ALA A 47 5.77 13.26 21.83
CA ALA A 47 7.18 13.07 21.55
C ALA A 47 7.42 12.89 20.05
N ALA A 48 6.36 12.56 19.33
CA ALA A 48 6.49 12.35 17.89
C ALA A 48 5.83 13.45 17.06
N GLY A 49 5.01 14.28 17.69
CA GLY A 49 4.34 15.34 16.97
C GLY A 49 3.09 14.84 16.26
N ALA A 50 2.55 13.73 16.75
CA ALA A 50 1.35 13.14 16.16
C ALA A 50 0.11 13.53 16.96
N HIS A 51 -1.06 13.20 16.41
CA HIS A 51 -2.33 13.47 17.06
C HIS A 51 -2.60 12.33 18.04
N ALA A 52 -2.51 12.66 19.33
CA ALA A 52 -2.69 11.70 20.42
C ALA A 52 -3.66 10.53 20.20
N ASP A 53 -4.94 10.83 19.99
CA ASP A 53 -5.95 9.79 19.81
C ASP A 53 -5.83 8.97 18.54
N SER A 54 -5.43 9.62 17.44
CA SER A 54 -5.26 8.93 16.17
C SER A 54 -4.13 7.92 16.30
N LEU A 55 -3.02 8.36 16.88
CA LEU A 55 -1.85 7.49 17.08
C LEU A 55 -2.21 6.30 17.94
N ASP A 56 -3.00 6.53 18.97
CA ASP A 56 -3.40 5.44 19.85
C ASP A 56 -4.06 4.33 19.03
N ARG A 57 -4.84 4.74 18.04
CA ARG A 57 -5.53 3.82 17.16
C ARG A 57 -4.56 3.07 16.26
N LEU A 58 -3.50 3.74 15.83
CA LEU A 58 -2.48 3.13 14.98
C LEU A 58 -1.72 2.10 15.79
N LEU A 59 -1.31 2.48 16.99
CA LEU A 59 -0.58 1.60 17.88
C LEU A 59 -1.40 0.35 18.15
N ARG A 60 -2.66 0.54 18.53
CA ARG A 60 -3.55 -0.56 18.82
C ARG A 60 -3.55 -1.59 17.67
N HIS A 61 -3.54 -1.09 16.43
CA HIS A 61 -3.51 -1.93 15.24
C HIS A 61 -2.17 -2.64 15.11
N LEU A 62 -1.09 -1.91 15.40
CA LEU A 62 0.26 -2.46 15.33
C LEU A 62 0.55 -3.41 16.51
N VAL A 63 -0.24 -3.30 17.58
CA VAL A 63 -0.10 -4.19 18.72
C VAL A 63 -0.69 -5.50 18.21
N ALA A 64 -1.86 -5.38 17.57
CA ALA A 64 -2.59 -6.50 17.00
C ALA A 64 -1.75 -7.22 15.94
N VAL A 65 -0.97 -6.45 15.17
CA VAL A 65 -0.13 -7.02 14.13
C VAL A 65 1.00 -7.83 14.77
N GLY A 66 1.42 -7.39 15.96
CA GLY A 66 2.48 -8.08 16.67
C GLY A 66 3.81 -7.32 16.73
N LEU A 67 3.76 -6.00 16.69
CA LEU A 67 4.99 -5.24 16.74
C LEU A 67 5.14 -4.58 18.08
N PHE A 68 4.01 -4.22 18.68
CA PHE A 68 4.04 -3.59 19.99
C PHE A 68 3.23 -4.42 20.97
N THR A 69 3.25 -4.00 22.23
CA THR A 69 2.52 -4.66 23.30
C THR A 69 1.91 -3.57 24.15
N ARG A 70 0.67 -3.77 24.59
CA ARG A 70 0.00 -2.78 25.42
C ARG A 70 -0.53 -3.45 26.68
N ASP A 71 -0.41 -2.72 27.79
CA ASP A 71 -0.90 -3.14 29.08
C ASP A 71 -2.14 -2.28 29.25
N GLY A 72 -2.97 -2.58 30.24
CA GLY A 72 -4.11 -1.73 30.50
C GLY A 72 -3.56 -0.35 30.84
N GLN A 73 -4.34 0.68 30.52
CA GLN A 73 -3.92 2.05 30.77
C GLN A 73 -3.08 2.61 29.62
N GLY A 74 -3.06 1.90 28.51
CA GLY A 74 -2.38 2.36 27.30
C GLY A 74 -0.87 2.29 27.23
N VAL A 75 -0.24 1.67 28.22
CA VAL A 75 1.22 1.54 28.19
C VAL A 75 1.63 0.65 27.03
N TYR A 76 2.70 1.03 26.33
CA TYR A 76 3.19 0.24 25.21
C TYR A 76 4.63 -0.21 25.34
N GLY A 77 4.93 -1.34 24.75
CA GLY A 77 6.28 -1.88 24.78
C GLY A 77 6.56 -2.55 23.45
N LEU A 78 7.83 -2.74 23.10
CA LEU A 78 8.17 -3.38 21.84
C LEU A 78 8.24 -4.88 21.99
N THR A 79 7.80 -5.60 20.97
CA THR A 79 7.85 -7.06 20.98
C THR A 79 9.24 -7.38 20.47
N GLU A 80 9.57 -8.65 20.37
CA GLU A 80 10.89 -9.01 19.86
C GLU A 80 11.05 -8.52 18.44
N PHE A 81 9.93 -8.37 17.73
CA PHE A 81 9.93 -7.87 16.36
C PHE A 81 9.95 -6.36 16.40
N GLY A 82 9.11 -5.78 17.24
CA GLY A 82 9.06 -4.33 17.37
C GLY A 82 10.45 -3.73 17.46
N GLU A 83 11.39 -4.53 17.95
CA GLU A 83 12.77 -4.07 18.07
C GLU A 83 13.30 -3.55 16.74
N GLN A 84 13.17 -4.37 15.70
CA GLN A 84 13.66 -4.01 14.38
C GLN A 84 13.18 -2.66 13.90
N LEU A 85 12.15 -2.12 14.55
CA LEU A 85 11.60 -0.84 14.15
C LEU A 85 12.41 0.32 14.72
N ARG A 86 13.37 -0.03 15.57
CA ARG A 86 14.24 0.96 16.21
C ARG A 86 15.26 1.48 15.21
N ASP A 87 15.62 2.76 15.34
CA ASP A 87 16.57 3.33 14.39
C ASP A 87 18.01 2.90 14.58
N ASP A 88 18.29 2.19 15.66
CA ASP A 88 19.64 1.73 15.96
C ASP A 88 19.78 0.22 15.81
N HIS A 89 18.68 -0.45 15.46
CA HIS A 89 18.69 -1.89 15.30
C HIS A 89 19.73 -2.35 14.28
N ALA A 90 20.25 -3.55 14.48
CA ALA A 90 21.27 -4.13 13.61
C ALA A 90 20.90 -4.05 12.14
N ALA A 91 19.71 -4.57 11.82
CA ALA A 91 19.19 -4.61 10.46
C ALA A 91 19.23 -3.28 9.73
N GLY A 92 18.86 -2.21 10.42
CA GLY A 92 18.87 -0.89 9.82
C GLY A 92 17.72 -0.71 8.85
N LYS A 93 16.57 -1.32 9.17
CA LYS A 93 15.39 -1.26 8.32
C LYS A 93 14.58 0.04 8.40
N ARG A 94 14.33 0.52 9.61
CA ARG A 94 13.55 1.73 9.82
C ARG A 94 13.72 2.82 8.77
N LYS A 95 14.96 3.08 8.34
CA LYS A 95 15.18 4.13 7.37
C LYS A 95 14.70 3.82 5.96
N TRP A 96 14.60 2.54 5.61
CA TRP A 96 14.12 2.16 4.28
C TRP A 96 12.59 2.31 4.23
N LEU A 97 11.97 2.24 5.40
CA LEU A 97 10.53 2.37 5.50
C LEU A 97 10.10 3.82 5.72
N ASP A 98 10.94 4.58 6.40
CA ASP A 98 10.68 5.98 6.70
C ASP A 98 10.21 6.70 5.45
N MET A 99 9.07 7.38 5.55
CA MET A 99 8.53 8.10 4.40
C MET A 99 9.32 9.34 3.99
N ASN A 100 10.45 9.57 4.64
CA ASN A 100 11.24 10.73 4.29
C ASN A 100 12.46 10.33 3.49
N SER A 101 12.82 9.04 3.53
CA SER A 101 13.97 8.57 2.77
C SER A 101 13.57 8.41 1.30
N ALA A 102 14.55 8.44 0.42
CA ALA A 102 14.27 8.32 -0.98
C ALA A 102 13.48 7.05 -1.30
N VAL A 103 13.76 5.97 -0.58
CA VAL A 103 13.07 4.72 -0.85
C VAL A 103 11.72 4.62 -0.14
N GLY A 104 11.66 5.09 1.10
CA GLY A 104 10.41 5.02 1.84
C GLY A 104 9.33 5.88 1.24
N ARG A 105 9.77 6.91 0.53
CA ARG A 105 8.86 7.83 -0.13
C ARG A 105 8.59 7.29 -1.54
N GLY A 106 9.62 6.83 -2.22
CA GLY A 106 9.48 6.29 -3.57
C GLY A 106 8.59 5.06 -3.65
N ASP A 107 8.60 4.24 -2.60
CA ASP A 107 7.78 3.04 -2.58
C ASP A 107 6.30 3.37 -2.56
N LEU A 108 5.94 4.53 -2.01
CA LEU A 108 4.53 4.91 -1.99
C LEU A 108 4.08 5.10 -3.43
N GLY A 109 5.04 5.09 -4.36
CA GLY A 109 4.70 5.24 -5.75
C GLY A 109 4.02 4.00 -6.28
N PHE A 110 4.08 2.93 -5.49
CA PHE A 110 3.46 1.67 -5.86
C PHE A 110 1.96 1.87 -5.97
N VAL A 111 1.45 2.86 -5.24
CA VAL A 111 0.03 3.14 -5.27
C VAL A 111 -0.42 3.45 -6.71
N GLU A 112 0.51 3.80 -7.58
CA GLU A 112 0.17 4.08 -9.00
C GLU A 112 0.66 2.94 -9.92
N LEU A 113 0.84 1.73 -9.36
CA LEU A 113 1.31 0.59 -10.11
C LEU A 113 0.48 0.37 -11.36
N ALA A 114 -0.84 0.39 -11.20
CA ALA A 114 -1.76 0.17 -12.30
C ALA A 114 -1.33 0.91 -13.57
N HIS A 115 -0.81 2.12 -13.41
CA HIS A 115 -0.36 2.89 -14.55
C HIS A 115 0.81 2.25 -15.25
N SER A 116 1.76 1.74 -14.46
CA SER A 116 2.95 1.12 -15.03
C SER A 116 2.64 -0.16 -15.77
N ILE A 117 1.90 -1.06 -15.12
CA ILE A 117 1.63 -2.34 -15.78
C ILE A 117 0.63 -2.13 -16.91
N ARG A 118 0.07 -0.95 -16.96
CA ARG A 118 -0.90 -0.62 -18.00
C ARG A 118 -0.20 -0.03 -19.23
N THR A 119 0.88 0.72 -19.01
CA THR A 119 1.59 1.39 -20.09
C THR A 119 3.05 1.02 -20.27
N GLY A 120 3.65 0.42 -19.25
CA GLY A 120 5.05 0.06 -19.34
C GLY A 120 5.93 1.22 -18.90
N GLN A 121 5.32 2.35 -18.59
CA GLN A 121 6.08 3.52 -18.14
C GLN A 121 6.28 3.53 -16.61
N PRO A 122 7.18 4.37 -16.10
CA PRO A 122 7.38 4.39 -14.65
C PRO A 122 6.18 5.01 -13.96
N ALA A 123 6.00 4.68 -12.68
CA ALA A 123 4.87 5.18 -11.92
C ALA A 123 5.24 6.32 -10.97
N TYR A 124 6.51 6.37 -10.58
CA TYR A 124 6.98 7.39 -9.65
C TYR A 124 6.55 8.78 -10.13
N PRO A 125 6.74 9.07 -11.44
CA PRO A 125 6.35 10.37 -11.98
C PRO A 125 4.86 10.65 -11.74
N VAL A 126 4.01 9.66 -12.03
CA VAL A 126 2.57 9.83 -11.85
C VAL A 126 2.24 10.40 -10.49
N ARG A 127 2.89 9.90 -9.45
CA ARG A 127 2.61 10.41 -8.11
C ARG A 127 3.41 11.63 -7.66
N TYR A 128 4.61 11.83 -8.19
CA TYR A 128 5.42 12.97 -7.79
C TYR A 128 5.68 13.99 -8.89
N GLY A 129 5.00 13.82 -10.02
CA GLY A 129 5.15 14.74 -11.13
C GLY A 129 6.58 15.00 -11.55
N THR A 130 7.39 13.95 -11.59
CA THR A 130 8.78 14.09 -11.99
C THR A 130 9.49 12.75 -11.87
N SER A 131 10.71 12.66 -12.39
CA SER A 131 11.44 11.41 -12.29
C SER A 131 12.12 11.31 -10.93
N PHE A 132 12.61 10.12 -10.60
CA PHE A 132 13.27 9.90 -9.34
C PHE A 132 14.54 10.74 -9.26
N TRP A 133 15.36 10.64 -10.31
CA TRP A 133 16.62 11.38 -10.34
C TRP A 133 16.39 12.90 -10.34
N GLU A 134 15.43 13.36 -11.14
CA GLU A 134 15.12 14.78 -11.18
C GLU A 134 14.84 15.23 -9.74
N ASP A 135 14.02 14.44 -9.06
CA ASP A 135 13.64 14.72 -7.67
C ASP A 135 14.87 14.83 -6.77
N LEU A 136 15.73 13.81 -6.80
CA LEU A 136 16.92 13.79 -5.98
C LEU A 136 17.85 14.95 -6.34
N GLY A 137 17.84 15.33 -7.62
CA GLY A 137 18.67 16.44 -8.06
C GLY A 137 18.25 17.77 -7.47
N SER A 138 16.94 17.96 -7.28
CA SER A 138 16.45 19.23 -6.74
C SER A 138 16.25 19.20 -5.23
N ASP A 139 16.48 18.05 -4.61
CA ASP A 139 16.32 17.91 -3.18
C ASP A 139 17.58 17.23 -2.68
N PRO A 140 18.60 18.02 -2.33
CA PRO A 140 19.88 17.49 -1.83
C PRO A 140 19.76 16.61 -0.59
N VAL A 141 18.83 16.93 0.30
CA VAL A 141 18.68 16.10 1.49
C VAL A 141 18.10 14.74 1.11
N LEU A 142 17.18 14.74 0.14
CA LEU A 142 16.57 13.51 -0.34
C LEU A 142 17.68 12.68 -0.93
N SER A 143 18.40 13.28 -1.87
CA SER A 143 19.51 12.62 -2.53
C SER A 143 20.50 12.09 -1.50
N ALA A 144 20.73 12.85 -0.44
CA ALA A 144 21.64 12.42 0.61
C ALA A 144 21.18 11.09 1.21
N SER A 145 19.90 11.00 1.56
CA SER A 145 19.34 9.78 2.12
C SER A 145 19.47 8.61 1.15
N PHE A 146 19.28 8.87 -0.14
CA PHE A 146 19.41 7.78 -1.09
C PHE A 146 20.85 7.27 -1.03
N ASP A 147 21.81 8.19 -0.98
CA ASP A 147 23.23 7.85 -0.92
C ASP A 147 23.52 6.94 0.27
N THR A 148 22.96 7.26 1.44
CA THR A 148 23.19 6.43 2.62
C THR A 148 22.51 5.08 2.52
N LEU A 149 21.34 5.06 1.87
CA LEU A 149 20.60 3.83 1.72
C LEU A 149 21.37 2.84 0.84
N MET A 150 21.85 3.32 -0.30
CA MET A 150 22.58 2.46 -1.21
C MET A 150 23.86 2.02 -0.54
N SER A 151 24.40 2.88 0.31
CA SER A 151 25.63 2.59 1.02
C SER A 151 25.35 1.37 1.90
N HIS A 152 24.16 1.33 2.47
CA HIS A 152 23.71 0.24 3.33
C HIS A 152 23.59 -1.07 2.54
N HIS A 153 23.11 -0.99 1.29
CA HIS A 153 22.96 -2.18 0.46
C HIS A 153 24.32 -2.79 0.11
N LEU A 154 25.38 -1.98 0.17
CA LEU A 154 26.73 -2.47 -0.14
C LEU A 154 27.09 -3.57 0.86
N GLU A 155 26.88 -3.27 2.13
CA GLU A 155 27.17 -4.19 3.22
C GLU A 155 26.28 -5.44 3.16
N LEU A 156 24.98 -5.21 2.96
CA LEU A 156 24.01 -6.29 2.88
C LEU A 156 24.28 -7.25 1.72
N ASP A 157 24.58 -6.71 0.54
CA ASP A 157 24.80 -7.55 -0.65
C ASP A 157 26.23 -7.93 -1.06
N TYR A 158 27.13 -6.93 -1.09
CA TYR A 158 28.50 -7.16 -1.54
C TYR A 158 29.52 -7.70 -0.54
N THR A 159 29.04 -8.25 0.57
CA THR A 159 29.93 -8.79 1.59
C THR A 159 31.08 -9.64 1.01
N GLY A 160 32.31 -9.16 1.23
CA GLY A 160 33.52 -9.83 0.77
C GLY A 160 33.88 -9.75 -0.70
N ILE A 161 33.13 -8.96 -1.47
CA ILE A 161 33.37 -8.81 -2.90
C ILE A 161 34.82 -8.47 -3.24
N ALA A 162 35.52 -7.99 -2.21
CA ALA A 162 36.93 -7.60 -2.34
C ALA A 162 37.77 -8.71 -2.96
N ALA A 163 37.65 -9.92 -2.40
CA ALA A 163 38.42 -11.08 -2.86
C ALA A 163 37.73 -11.87 -3.97
N LYS A 164 36.42 -11.86 -3.99
CA LYS A 164 35.65 -12.59 -4.98
C LYS A 164 36.08 -12.34 -6.44
N TYR A 165 36.88 -11.30 -6.66
CA TYR A 165 37.37 -10.98 -8.01
C TYR A 165 38.76 -10.38 -7.92
N ASP A 166 39.52 -10.52 -9.00
CA ASP A 166 40.88 -9.99 -9.04
C ASP A 166 40.87 -8.53 -9.43
N TRP A 167 40.66 -7.67 -8.43
CA TRP A 167 40.60 -6.24 -8.64
C TRP A 167 41.95 -5.60 -8.91
N ALA A 168 42.87 -5.73 -7.96
CA ALA A 168 44.20 -5.16 -8.09
C ALA A 168 44.75 -5.31 -9.50
N ALA A 169 44.37 -6.38 -10.18
CA ALA A 169 44.84 -6.62 -11.54
C ALA A 169 44.38 -5.57 -12.54
N LEU A 170 43.29 -4.87 -12.24
CA LEU A 170 42.79 -3.86 -13.16
C LEU A 170 43.57 -2.54 -13.14
N GLY A 171 44.39 -2.37 -12.10
CA GLY A 171 45.19 -1.15 -11.98
C GLY A 171 44.37 0.07 -11.58
N HIS A 172 43.48 0.48 -12.47
CA HIS A 172 42.63 1.62 -12.21
C HIS A 172 41.18 1.36 -12.65
N VAL A 173 40.25 1.42 -11.71
CA VAL A 173 38.82 1.22 -12.02
C VAL A 173 38.01 2.48 -11.90
N VAL A 174 37.06 2.63 -12.81
CA VAL A 174 36.16 3.75 -12.81
C VAL A 174 34.83 3.16 -12.37
N ASP A 175 34.30 3.59 -11.23
CA ASP A 175 33.00 3.08 -10.79
C ASP A 175 31.91 3.97 -11.40
N VAL A 176 31.40 3.58 -12.57
CA VAL A 176 30.36 4.35 -13.26
C VAL A 176 29.08 4.36 -12.43
N GLY A 177 28.71 5.53 -11.94
CA GLY A 177 27.54 5.65 -11.09
C GLY A 177 27.93 5.18 -9.69
N GLY A 178 29.20 5.33 -9.34
CA GLY A 178 29.71 4.89 -8.07
C GLY A 178 29.07 5.33 -6.76
N GLY A 179 28.11 6.23 -6.81
CA GLY A 179 27.47 6.69 -5.59
C GLY A 179 28.46 7.40 -4.69
N SER A 180 28.24 7.31 -3.38
CA SER A 180 29.13 7.97 -2.43
C SER A 180 30.46 7.24 -2.28
N GLY A 181 30.83 6.47 -3.31
CA GLY A 181 32.11 5.79 -3.30
C GLY A 181 32.34 4.66 -2.31
N GLY A 182 31.27 4.18 -1.67
CA GLY A 182 31.42 3.09 -0.73
C GLY A 182 32.10 1.88 -1.37
N LEU A 183 31.67 1.47 -2.56
CA LEU A 183 32.31 0.32 -3.19
C LEU A 183 33.77 0.57 -3.44
N LEU A 184 34.08 1.49 -4.35
CA LEU A 184 35.45 1.82 -4.70
C LEU A 184 36.33 1.90 -3.45
N SER A 185 35.77 2.49 -2.40
CA SER A 185 36.46 2.63 -1.13
C SER A 185 36.87 1.24 -0.63
N ALA A 186 35.89 0.36 -0.49
CA ALA A 186 36.16 -1.01 -0.05
C ALA A 186 37.20 -1.70 -0.93
N LEU A 187 37.12 -1.52 -2.24
CA LEU A 187 38.08 -2.15 -3.14
C LEU A 187 39.50 -1.64 -2.90
N LEU A 188 39.64 -0.32 -2.70
CA LEU A 188 40.97 0.24 -2.47
C LEU A 188 41.49 -0.08 -1.08
N THR A 189 40.60 -0.08 -0.10
CA THR A 189 41.01 -0.39 1.26
C THR A 189 41.43 -1.85 1.33
N ALA A 190 41.37 -2.54 0.20
CA ALA A 190 41.73 -3.96 0.14
C ALA A 190 42.84 -4.24 -0.89
N HIS A 191 43.08 -3.30 -1.78
CA HIS A 191 44.11 -3.45 -2.79
C HIS A 191 44.91 -2.17 -2.84
N GLU A 192 45.94 -2.09 -1.99
CA GLU A 192 46.81 -0.93 -1.84
C GLU A 192 47.41 -0.30 -3.10
N ASP A 193 47.72 -1.11 -4.10
CA ASP A 193 48.29 -0.57 -5.34
C ASP A 193 47.24 -0.36 -6.42
N LEU A 194 45.99 -0.26 -5.99
CA LEU A 194 44.88 -0.06 -6.91
C LEU A 194 44.35 1.36 -6.79
N SER A 195 44.11 1.99 -7.93
CA SER A 195 43.57 3.34 -7.93
C SER A 195 42.21 3.34 -8.61
N GLY A 196 41.42 4.39 -8.38
CA GLY A 196 40.11 4.45 -9.00
C GLY A 196 39.47 5.82 -8.97
N THR A 197 38.44 5.97 -9.80
CA THR A 197 37.70 7.21 -9.89
C THR A 197 36.19 6.95 -9.92
N VAL A 198 35.44 7.64 -9.05
CA VAL A 198 33.99 7.51 -8.99
C VAL A 198 33.32 8.51 -9.91
N LEU A 199 32.42 8.02 -10.73
CA LEU A 199 31.71 8.87 -11.66
C LEU A 199 30.25 8.90 -11.21
N ASP A 200 29.69 10.08 -11.02
CA ASP A 200 28.29 10.18 -10.60
C ASP A 200 27.82 11.63 -10.75
N LEU A 201 26.65 11.93 -10.23
CA LEU A 201 26.12 13.28 -10.30
C LEU A 201 26.68 14.07 -9.12
N GLN A 202 26.58 15.40 -9.17
CA GLN A 202 27.11 16.25 -8.11
C GLN A 202 26.85 15.66 -6.74
N GLY A 203 25.57 15.52 -6.42
CA GLY A 203 25.18 14.98 -5.12
C GLY A 203 26.03 13.83 -4.61
N PRO A 204 26.01 12.69 -5.30
CA PRO A 204 26.81 11.55 -4.86
C PRO A 204 28.31 11.78 -4.95
N ALA A 205 28.76 12.38 -6.05
CA ALA A 205 30.19 12.62 -6.23
C ALA A 205 30.84 13.37 -5.06
N SER A 206 30.19 14.42 -4.58
CA SER A 206 30.75 15.17 -3.48
C SER A 206 30.70 14.38 -2.17
N ALA A 207 29.78 13.44 -2.06
CA ALA A 207 29.68 12.63 -0.85
C ALA A 207 30.81 11.60 -0.94
N ALA A 208 31.11 11.18 -2.16
CA ALA A 208 32.15 10.22 -2.40
C ALA A 208 33.48 10.87 -2.09
N HIS A 209 33.62 12.11 -2.55
CA HIS A 209 34.84 12.88 -2.34
C HIS A 209 35.07 13.13 -0.84
N ARG A 210 34.00 13.50 -0.15
CA ARG A 210 34.07 13.76 1.28
C ARG A 210 34.58 12.48 1.97
N ARG A 211 34.16 11.33 1.46
CA ARG A 211 34.55 10.04 2.00
C ARG A 211 36.04 9.82 1.84
N PHE A 212 36.51 9.91 0.60
CA PHE A 212 37.91 9.69 0.33
C PHE A 212 38.83 10.61 1.12
N LEU A 213 38.34 11.80 1.49
CA LEU A 213 39.17 12.72 2.26
C LEU A 213 39.27 12.28 3.71
N ASP A 214 38.18 11.74 4.26
CA ASP A 214 38.19 11.29 5.64
C ASP A 214 38.81 9.93 5.83
N THR A 215 39.09 9.22 4.75
CA THR A 215 39.67 7.90 4.89
C THR A 215 41.04 7.81 4.21
N GLY A 216 41.65 8.97 3.96
CA GLY A 216 42.96 9.01 3.34
C GLY A 216 43.11 8.24 2.04
N LEU A 217 42.03 8.14 1.26
CA LEU A 217 42.06 7.44 -0.02
C LEU A 217 42.13 8.42 -1.19
N SER A 218 42.18 9.71 -0.86
CA SER A 218 42.24 10.77 -1.85
C SER A 218 43.44 10.63 -2.76
N GLY A 219 44.45 9.90 -2.31
CA GLY A 219 45.64 9.71 -3.11
C GLY A 219 45.41 8.80 -4.31
N ARG A 220 44.65 7.73 -4.10
CA ARG A 220 44.35 6.76 -5.17
C ARG A 220 42.91 6.87 -5.68
N ALA A 221 42.10 7.66 -4.98
CA ALA A 221 40.70 7.83 -5.33
C ALA A 221 40.34 9.26 -5.72
N GLN A 222 39.59 9.40 -6.80
CA GLN A 222 39.13 10.72 -7.24
C GLN A 222 37.68 10.65 -7.74
N VAL A 223 36.98 11.77 -7.75
CA VAL A 223 35.61 11.77 -8.22
C VAL A 223 35.50 12.65 -9.45
N VAL A 224 34.50 12.42 -10.26
CA VAL A 224 34.31 13.21 -11.45
C VAL A 224 32.81 13.36 -11.67
N VAL A 225 32.32 14.59 -11.68
CA VAL A 225 30.89 14.77 -11.87
C VAL A 225 30.49 14.68 -13.34
N GLY A 226 29.50 13.82 -13.64
CA GLY A 226 29.07 13.66 -15.01
C GLY A 226 28.06 12.56 -15.25
N SER A 227 27.32 12.67 -16.34
CA SER A 227 26.32 11.68 -16.72
C SER A 227 27.01 10.52 -17.43
N PHE A 228 26.69 9.28 -17.02
CA PHE A 228 27.30 8.13 -17.67
C PHE A 228 26.69 7.91 -19.06
N PHE A 229 26.00 8.93 -19.56
CA PHE A 229 25.40 8.90 -20.87
C PHE A 229 26.29 9.69 -21.85
N ASP A 230 27.32 10.32 -21.31
CA ASP A 230 28.30 11.09 -22.08
C ASP A 230 29.62 10.38 -21.89
N PRO A 231 30.63 10.71 -22.73
CA PRO A 231 31.94 10.05 -22.59
C PRO A 231 32.41 9.94 -21.14
N LEU A 232 33.08 8.84 -20.84
CA LEU A 232 33.58 8.56 -19.50
C LEU A 232 35.09 8.75 -19.41
N PRO A 233 35.64 8.81 -18.17
CA PRO A 233 37.10 8.97 -18.02
C PRO A 233 37.68 7.77 -18.77
N ALA A 234 38.29 8.00 -19.93
CA ALA A 234 38.81 6.91 -20.75
C ALA A 234 40.09 6.20 -20.33
N GLY A 235 40.25 5.00 -20.90
CA GLY A 235 41.41 4.16 -20.66
C GLY A 235 41.61 3.44 -19.36
N ALA A 236 40.58 3.33 -18.52
CA ALA A 236 40.77 2.66 -17.25
C ALA A 236 40.94 1.15 -17.40
N GLY A 237 41.43 0.50 -16.36
CA GLY A 237 41.60 -0.95 -16.39
C GLY A 237 40.23 -1.62 -16.40
N GLY A 238 39.35 -1.15 -15.53
CA GLY A 238 38.02 -1.68 -15.45
C GLY A 238 36.96 -0.62 -15.17
N TYR A 239 35.74 -0.87 -15.68
CA TYR A 239 34.62 0.02 -15.46
C TYR A 239 33.57 -0.78 -14.72
N VAL A 240 33.18 -0.33 -13.54
CA VAL A 240 32.18 -1.04 -12.78
C VAL A 240 30.84 -0.37 -12.90
N LEU A 241 29.81 -1.20 -13.12
CA LEU A 241 28.43 -0.77 -13.23
C LEU A 241 27.69 -1.51 -12.14
N SER A 242 27.69 -0.94 -10.95
CA SER A 242 27.08 -1.53 -9.76
C SER A 242 25.67 -1.06 -9.45
N ALA A 243 24.69 -1.96 -9.58
CA ALA A 243 23.32 -1.57 -9.27
C ALA A 243 22.88 -0.36 -10.07
N VAL A 244 23.28 -0.34 -11.34
CA VAL A 244 22.92 0.75 -12.25
C VAL A 244 21.96 0.28 -13.35
N LEU A 245 22.40 -0.71 -14.12
CA LEU A 245 21.61 -1.23 -15.22
C LEU A 245 20.16 -1.54 -14.94
N HIS A 246 19.84 -2.06 -13.75
CA HIS A 246 18.45 -2.38 -13.48
C HIS A 246 17.62 -1.16 -13.13
N ASP A 247 18.27 0.00 -13.05
CA ASP A 247 17.58 1.25 -12.75
C ASP A 247 17.13 1.84 -14.09
N TRP A 248 17.54 1.19 -15.19
CA TRP A 248 17.22 1.66 -16.54
C TRP A 248 16.55 0.68 -17.48
N ASP A 249 15.81 1.22 -18.43
CA ASP A 249 15.14 0.40 -19.44
C ASP A 249 16.23 -0.09 -20.38
N ASP A 250 15.87 -0.95 -21.33
CA ASP A 250 16.84 -1.51 -22.26
C ASP A 250 17.62 -0.53 -23.11
N LEU A 251 16.93 0.42 -23.74
CA LEU A 251 17.62 1.36 -24.59
C LEU A 251 18.66 2.17 -23.84
N SER A 252 18.26 2.74 -22.70
CA SER A 252 19.13 3.54 -21.86
C SER A 252 20.30 2.69 -21.36
N ALA A 253 20.01 1.43 -21.08
CA ALA A 253 21.03 0.50 -20.59
C ALA A 253 22.12 0.24 -21.63
N VAL A 254 21.74 0.02 -22.89
CA VAL A 254 22.76 -0.23 -23.91
C VAL A 254 23.58 1.05 -24.09
N ALA A 255 22.91 2.19 -23.89
CA ALA A 255 23.55 3.50 -24.00
C ALA A 255 24.69 3.53 -22.98
N ILE A 256 24.34 3.40 -21.71
CA ILE A 256 25.31 3.38 -20.63
C ILE A 256 26.40 2.35 -20.90
N LEU A 257 26.00 1.21 -21.46
CA LEU A 257 26.96 0.15 -21.78
C LEU A 257 27.92 0.57 -22.90
N ARG A 258 27.40 1.14 -23.98
CA ARG A 258 28.28 1.58 -25.06
C ARG A 258 29.35 2.52 -24.52
N ARG A 259 28.96 3.42 -23.62
CA ARG A 259 29.91 4.37 -23.05
C ARG A 259 31.04 3.64 -22.34
N CYS A 260 30.69 2.60 -21.61
CA CYS A 260 31.72 1.86 -20.90
C CYS A 260 32.59 1.13 -21.91
N ALA A 261 31.97 0.50 -22.90
CA ALA A 261 32.71 -0.23 -23.93
C ALA A 261 33.73 0.74 -24.53
N GLU A 262 33.26 1.88 -25.03
CA GLU A 262 34.10 2.91 -25.61
C GLU A 262 35.25 3.26 -24.67
N ALA A 263 34.93 3.73 -23.48
CA ALA A 263 35.96 4.09 -22.52
C ALA A 263 36.98 2.97 -22.32
N ALA A 264 36.51 1.76 -22.09
CA ALA A 264 37.38 0.61 -21.86
C ALA A 264 38.22 0.25 -23.08
N GLY A 265 37.56 0.08 -24.22
CA GLY A 265 38.28 -0.27 -25.43
C GLY A 265 38.61 -1.76 -25.50
N SER A 266 39.50 -2.12 -26.42
CA SER A 266 39.90 -3.52 -26.58
C SER A 266 40.76 -3.98 -25.40
N GLY A 267 41.17 -3.03 -24.56
CA GLY A 267 42.02 -3.38 -23.45
C GLY A 267 41.37 -3.34 -22.08
N GLY A 268 40.12 -2.91 -22.00
CA GLY A 268 39.47 -2.83 -20.70
C GLY A 268 38.52 -3.96 -20.37
N VAL A 269 37.83 -3.84 -19.24
CA VAL A 269 36.87 -4.83 -18.80
C VAL A 269 35.70 -4.15 -18.10
N VAL A 270 34.49 -4.36 -18.63
CA VAL A 270 33.29 -3.77 -18.04
C VAL A 270 32.63 -4.77 -17.08
N LEU A 271 32.51 -4.42 -15.81
CA LEU A 271 31.93 -5.30 -14.80
C LEU A 271 30.56 -4.90 -14.25
N VAL A 272 29.50 -5.57 -14.68
CA VAL A 272 28.17 -5.30 -14.16
C VAL A 272 28.01 -6.07 -12.86
N ILE A 273 27.80 -5.35 -11.76
CA ILE A 273 27.66 -5.99 -10.47
C ILE A 273 26.30 -5.68 -9.90
N GLU A 274 25.35 -6.58 -10.15
CA GLU A 274 24.01 -6.42 -9.64
C GLU A 274 23.35 -7.78 -9.55
N ALA A 275 22.35 -7.90 -8.69
CA ALA A 275 21.63 -9.15 -8.52
C ALA A 275 20.92 -9.53 -9.81
N VAL A 276 21.48 -10.48 -10.54
CA VAL A 276 20.83 -10.92 -11.78
C VAL A 276 19.51 -11.59 -11.41
N ALA A 277 18.53 -11.48 -12.30
CA ALA A 277 17.20 -12.06 -12.07
C ALA A 277 17.34 -13.44 -11.48
N GLY A 278 18.45 -14.08 -11.80
CA GLY A 278 18.74 -15.40 -11.29
C GLY A 278 18.41 -15.83 -9.86
N ASP A 279 19.06 -15.22 -8.87
CA ASP A 279 18.99 -15.79 -7.52
C ASP A 279 19.28 -14.87 -6.32
N GLU A 280 18.97 -15.39 -5.13
CA GLU A 280 19.13 -14.68 -3.88
C GLU A 280 18.17 -13.51 -3.74
N HIS A 281 18.74 -12.35 -3.46
CA HIS A 281 18.00 -11.14 -3.13
C HIS A 281 17.11 -10.68 -4.26
N ALA A 282 17.59 -10.81 -5.49
CA ALA A 282 16.78 -10.37 -6.62
C ALA A 282 15.48 -11.15 -6.60
N GLY A 283 14.39 -10.43 -6.79
CA GLY A 283 13.05 -11.00 -6.79
C GLY A 283 12.06 -10.24 -7.65
N THR A 284 10.85 -10.77 -7.79
CA THR A 284 9.81 -10.14 -8.58
C THR A 284 9.43 -8.80 -7.93
N GLY A 285 9.53 -8.73 -6.60
CA GLY A 285 9.20 -7.50 -5.90
C GLY A 285 10.25 -6.44 -6.22
N MET A 286 11.48 -6.87 -6.43
CA MET A 286 12.53 -5.93 -6.77
C MET A 286 12.23 -5.45 -8.18
N ASP A 287 11.98 -6.41 -9.07
CA ASP A 287 11.68 -6.09 -10.47
C ASP A 287 10.48 -5.15 -10.59
N LEU A 288 9.47 -5.35 -9.74
CA LEU A 288 8.31 -4.47 -9.79
C LEU A 288 8.72 -3.08 -9.36
N ARG A 289 9.55 -3.01 -8.30
CA ARG A 289 10.05 -1.75 -7.80
C ARG A 289 10.79 -1.01 -8.92
N MET A 290 11.67 -1.71 -9.62
CA MET A 290 12.43 -1.12 -10.70
C MET A 290 11.51 -0.55 -11.79
N LEU A 291 10.42 -1.26 -12.07
CA LEU A 291 9.46 -0.82 -13.08
C LEU A 291 8.73 0.40 -12.54
N THR A 292 8.27 0.30 -11.30
CA THR A 292 7.56 1.40 -10.67
C THR A 292 8.39 2.68 -10.62
N TYR A 293 9.66 2.57 -10.22
CA TYR A 293 10.51 3.75 -10.14
C TYR A 293 10.93 4.34 -11.48
N PHE A 294 11.53 3.54 -12.36
CA PHE A 294 11.97 4.11 -13.62
C PHE A 294 11.71 3.33 -14.88
N GLY A 295 10.91 2.27 -14.79
CA GLY A 295 10.68 1.47 -15.97
C GLY A 295 11.96 0.67 -16.16
N GLY A 296 12.62 0.42 -15.04
CA GLY A 296 13.85 -0.36 -15.05
C GLY A 296 13.46 -1.81 -15.05
N LYS A 297 14.43 -2.71 -15.03
CA LYS A 297 14.14 -4.13 -15.07
C LYS A 297 15.22 -4.98 -14.46
N GLU A 298 14.83 -6.02 -13.74
CA GLU A 298 15.81 -6.94 -13.16
C GLU A 298 16.07 -7.95 -14.29
N ARG A 299 17.31 -8.09 -14.74
CA ARG A 299 17.57 -9.00 -15.86
C ARG A 299 18.31 -10.31 -15.58
N SER A 300 18.21 -11.24 -16.53
CA SER A 300 18.86 -12.54 -16.43
C SER A 300 20.23 -12.45 -17.09
N LEU A 301 21.08 -13.46 -16.92
CA LEU A 301 22.39 -13.41 -17.54
C LEU A 301 22.24 -13.34 -19.04
N ALA A 302 21.11 -13.82 -19.54
CA ALA A 302 20.87 -13.81 -20.97
C ALA A 302 20.47 -12.40 -21.40
N GLU A 303 19.52 -11.82 -20.69
CA GLU A 303 19.04 -10.47 -20.97
C GLU A 303 20.18 -9.45 -20.93
N LEU A 304 21.13 -9.65 -20.02
CA LEU A 304 22.27 -8.77 -19.91
C LEU A 304 23.14 -9.00 -21.13
N GLY A 305 23.41 -10.27 -21.42
CA GLY A 305 24.23 -10.63 -22.56
C GLY A 305 23.70 -10.03 -23.85
N GLU A 306 22.38 -10.07 -24.02
CA GLU A 306 21.75 -9.51 -25.20
C GLU A 306 22.04 -8.02 -25.30
N LEU A 307 22.00 -7.34 -24.16
CA LEU A 307 22.28 -5.89 -24.10
C LEU A 307 23.74 -5.62 -24.41
N ALA A 308 24.62 -6.36 -23.75
CA ALA A 308 26.06 -6.23 -23.97
C ALA A 308 26.38 -6.36 -25.45
N ALA A 309 25.67 -7.27 -26.11
CA ALA A 309 25.85 -7.52 -27.53
C ALA A 309 25.69 -6.20 -28.27
N GLN A 310 24.56 -5.53 -28.04
CA GLN A 310 24.27 -4.26 -28.69
C GLN A 310 25.28 -3.14 -28.38
N ALA A 311 26.11 -3.35 -27.37
CA ALA A 311 27.11 -2.35 -27.01
C ALA A 311 28.50 -2.83 -27.42
N GLY A 312 28.54 -3.83 -28.29
CA GLY A 312 29.82 -4.36 -28.74
C GLY A 312 30.60 -5.07 -27.65
N LEU A 313 29.88 -5.54 -26.63
CA LEU A 313 30.51 -6.24 -25.53
C LEU A 313 30.03 -7.68 -25.52
N ALA A 314 30.70 -8.52 -24.74
CA ALA A 314 30.33 -9.92 -24.67
C ALA A 314 30.61 -10.50 -23.29
N VAL A 315 29.58 -10.99 -22.63
CA VAL A 315 29.75 -11.58 -21.32
C VAL A 315 30.82 -12.65 -21.42
N ARG A 316 31.68 -12.75 -20.42
CA ARG A 316 32.74 -13.75 -20.44
C ARG A 316 32.92 -14.45 -19.09
N ALA A 317 32.18 -14.00 -18.08
CA ALA A 317 32.24 -14.60 -16.75
C ALA A 317 31.09 -14.11 -15.90
N ALA A 318 30.81 -14.83 -14.83
CA ALA A 318 29.74 -14.46 -13.93
C ALA A 318 30.04 -15.21 -12.62
N HIS A 319 30.76 -14.56 -11.72
CA HIS A 319 31.10 -15.17 -10.44
C HIS A 319 29.97 -14.77 -9.51
N PRO A 320 29.23 -15.74 -8.96
CA PRO A 320 28.15 -15.29 -8.07
C PRO A 320 28.77 -15.08 -6.70
N ILE A 321 28.84 -13.84 -6.25
CA ILE A 321 29.42 -13.56 -4.95
C ILE A 321 28.30 -13.11 -4.03
N SER A 322 28.25 -13.68 -2.83
CA SER A 322 27.21 -13.33 -1.86
C SER A 322 25.80 -13.56 -2.42
N TYR A 323 24.99 -12.51 -2.40
CA TYR A 323 23.63 -12.62 -2.87
C TYR A 323 23.39 -11.99 -4.23
N VAL A 324 24.46 -11.61 -4.90
CA VAL A 324 24.35 -10.99 -6.22
C VAL A 324 25.41 -11.55 -7.15
N SER A 325 25.54 -10.99 -8.34
CA SER A 325 26.52 -11.53 -9.26
C SER A 325 27.36 -10.43 -9.89
N ILE A 326 28.55 -10.79 -10.31
CA ILE A 326 29.41 -9.84 -10.97
C ILE A 326 29.68 -10.47 -12.32
N VAL A 327 29.09 -9.91 -13.36
CA VAL A 327 29.28 -10.44 -14.69
C VAL A 327 30.31 -9.56 -15.41
N GLU A 328 31.38 -10.20 -15.85
CA GLU A 328 32.48 -9.55 -16.55
C GLU A 328 32.33 -9.57 -18.07
N MET A 329 32.20 -8.39 -18.67
CA MET A 329 32.06 -8.26 -20.12
C MET A 329 33.27 -7.53 -20.70
N THR A 330 33.63 -7.88 -21.94
CA THR A 330 34.75 -7.22 -22.63
C THR A 330 34.31 -6.96 -24.06
N ALA A 331 35.13 -6.23 -24.80
CA ALA A 331 34.79 -5.93 -26.18
C ALA A 331 34.89 -7.20 -27.02
N LEU A 332 33.90 -7.40 -27.89
CA LEU A 332 33.90 -8.58 -28.75
C LEU A 332 34.67 -8.26 -30.03
N ALA B 5 -0.32 -12.40 12.92
CA ALA B 5 0.73 -12.35 11.85
C ALA B 5 2.01 -11.84 12.49
N ALA B 6 2.82 -11.12 11.72
CA ALA B 6 4.05 -10.53 12.23
C ALA B 6 5.22 -11.52 12.27
N HIS B 7 4.97 -12.73 11.77
CA HIS B 7 6.03 -13.75 11.71
C HIS B 7 6.81 -13.61 10.40
N ILE B 8 6.38 -12.69 9.57
CA ILE B 8 7.00 -12.46 8.27
C ILE B 8 7.94 -11.27 8.48
N GLY B 9 8.97 -11.19 7.64
CA GLY B 9 9.97 -10.14 7.72
C GLY B 9 9.30 -8.78 7.92
N LEU B 10 9.93 -7.91 8.71
CA LEU B 10 9.36 -6.59 8.94
C LEU B 10 9.16 -5.91 7.59
N ARG B 11 10.14 -6.03 6.70
CA ARG B 11 10.06 -5.41 5.39
C ARG B 11 8.93 -6.04 4.59
N ALA B 12 8.70 -7.34 4.80
CA ALA B 12 7.63 -8.05 4.11
C ALA B 12 6.28 -7.57 4.65
N LEU B 13 6.20 -7.47 5.98
CA LEU B 13 4.99 -7.01 6.65
C LEU B 13 4.63 -5.60 6.20
N ALA B 14 5.64 -4.85 5.75
CA ALA B 14 5.44 -3.47 5.31
C ALA B 14 5.41 -3.35 3.80
N ASP B 15 5.63 -4.47 3.12
CA ASP B 15 5.62 -4.49 1.66
C ASP B 15 4.36 -3.89 1.06
N LEU B 16 4.52 -3.12 0.00
CA LEU B 16 3.38 -2.52 -0.68
C LEU B 16 3.21 -3.16 -2.06
N ALA B 17 4.33 -3.52 -2.68
CA ALA B 17 4.32 -4.13 -4.00
C ALA B 17 3.28 -5.24 -4.15
N THR B 18 3.25 -6.18 -3.22
CA THR B 18 2.29 -7.28 -3.33
C THR B 18 0.83 -6.86 -3.23
N PRO B 19 0.45 -6.18 -2.14
CA PRO B 19 -0.96 -5.78 -2.05
C PRO B 19 -1.42 -4.91 -3.22
N MET B 20 -0.50 -4.14 -3.77
CA MET B 20 -0.79 -3.28 -4.90
C MET B 20 -0.91 -4.14 -6.15
N ALA B 21 -0.04 -5.14 -6.28
CA ALA B 21 -0.06 -6.05 -7.42
C ALA B 21 -1.36 -6.87 -7.43
N VAL B 22 -1.85 -7.23 -6.25
CA VAL B 22 -3.08 -7.99 -6.17
C VAL B 22 -4.25 -7.12 -6.61
N ARG B 23 -4.26 -5.88 -6.11
CA ARG B 23 -5.32 -4.95 -6.44
C ARG B 23 -5.34 -4.61 -7.91
N VAL B 24 -4.17 -4.57 -8.54
CA VAL B 24 -4.10 -4.27 -9.95
C VAL B 24 -4.64 -5.45 -10.75
N ALA B 25 -4.33 -6.67 -10.30
CA ALA B 25 -4.81 -7.86 -10.98
C ALA B 25 -6.34 -7.84 -10.90
N ALA B 26 -6.87 -7.49 -9.74
CA ALA B 26 -8.30 -7.43 -9.57
C ALA B 26 -8.90 -6.42 -10.54
N THR B 27 -8.25 -5.27 -10.69
CA THR B 27 -8.76 -4.23 -11.56
C THR B 27 -8.70 -4.55 -13.05
N LEU B 28 -7.71 -5.33 -13.45
CA LEU B 28 -7.59 -5.74 -14.86
C LEU B 28 -8.39 -7.03 -15.08
N ARG B 29 -8.93 -7.58 -14.00
CA ARG B 29 -9.73 -8.79 -14.09
C ARG B 29 -8.93 -9.90 -14.76
N VAL B 30 -7.65 -9.98 -14.42
CA VAL B 30 -6.75 -10.99 -14.97
C VAL B 30 -7.26 -12.42 -14.72
N ALA B 31 -7.75 -12.66 -13.50
CA ALA B 31 -8.26 -13.98 -13.13
C ALA B 31 -9.41 -14.38 -14.03
N ASP B 32 -10.21 -13.40 -14.46
CA ASP B 32 -11.34 -13.65 -15.34
C ASP B 32 -10.87 -13.99 -16.75
N HIS B 33 -9.84 -13.29 -17.22
CA HIS B 33 -9.31 -13.54 -18.56
C HIS B 33 -8.61 -14.88 -18.68
N ILE B 34 -8.05 -15.36 -17.56
CA ILE B 34 -7.37 -16.65 -17.57
C ILE B 34 -8.40 -17.77 -17.67
N ALA B 35 -9.40 -17.71 -16.79
CA ALA B 35 -10.46 -18.71 -16.80
C ALA B 35 -11.23 -18.66 -18.14
N ALA B 36 -11.37 -17.46 -18.70
CA ALA B 36 -12.07 -17.28 -19.96
C ALA B 36 -11.29 -17.75 -21.17
N GLY B 37 -10.10 -18.31 -20.96
CA GLY B 37 -9.32 -18.80 -22.09
C GLY B 37 -7.99 -18.16 -22.41
N HIS B 38 -7.82 -16.87 -22.12
CA HIS B 38 -6.55 -16.19 -22.39
C HIS B 38 -5.59 -16.61 -21.30
N ARG B 39 -4.61 -17.43 -21.65
CA ARG B 39 -3.68 -17.95 -20.65
C ARG B 39 -2.23 -17.48 -20.71
N THR B 40 -1.88 -16.66 -21.71
CA THR B 40 -0.52 -16.15 -21.79
C THR B 40 -0.50 -14.64 -21.71
N ALA B 41 0.57 -14.11 -21.11
CA ALA B 41 0.73 -12.67 -20.93
C ALA B 41 0.26 -11.86 -22.13
N ALA B 42 0.76 -12.20 -23.31
CA ALA B 42 0.39 -11.49 -24.53
C ALA B 42 -1.13 -11.39 -24.69
N GLU B 43 -1.83 -12.49 -24.39
CA GLU B 43 -3.29 -12.54 -24.51
C GLU B 43 -4.00 -11.78 -23.39
N ILE B 44 -3.71 -12.16 -22.15
CA ILE B 44 -4.31 -11.52 -21.00
C ILE B 44 -4.14 -10.01 -21.08
N ALA B 45 -2.98 -9.59 -21.58
CA ALA B 45 -2.69 -8.17 -21.71
C ALA B 45 -3.61 -7.51 -22.73
N SER B 46 -3.63 -8.05 -23.94
CA SER B 46 -4.48 -7.49 -24.99
C SER B 46 -5.94 -7.60 -24.57
N ALA B 47 -6.24 -8.61 -23.77
CA ALA B 47 -7.60 -8.84 -23.29
C ALA B 47 -7.98 -7.81 -22.24
N ALA B 48 -7.03 -7.43 -21.40
CA ALA B 48 -7.28 -6.45 -20.35
C ALA B 48 -6.90 -5.05 -20.78
N GLY B 49 -6.06 -4.94 -21.80
CA GLY B 49 -5.64 -3.64 -22.26
C GLY B 49 -4.51 -3.10 -21.39
N ALA B 50 -3.47 -3.93 -21.25
CA ALA B 50 -2.31 -3.57 -20.45
C ALA B 50 -1.07 -3.67 -21.31
N HIS B 51 0.07 -3.23 -20.78
CA HIS B 51 1.32 -3.31 -21.50
C HIS B 51 1.72 -4.77 -21.38
N ALA B 52 1.75 -5.46 -22.52
CA ALA B 52 2.08 -6.88 -22.54
C ALA B 52 3.27 -7.31 -21.68
N ASP B 53 4.40 -6.60 -21.83
CA ASP B 53 5.60 -6.96 -21.09
C ASP B 53 5.50 -6.71 -19.60
N SER B 54 5.03 -5.51 -19.24
CA SER B 54 4.87 -5.15 -17.82
C SER B 54 3.92 -6.11 -17.14
N LEU B 55 2.80 -6.38 -17.79
CA LEU B 55 1.78 -7.27 -17.25
C LEU B 55 2.38 -8.62 -16.90
N ASP B 56 3.33 -9.10 -17.70
CA ASP B 56 3.92 -10.39 -17.40
C ASP B 56 4.64 -10.36 -16.06
N ARG B 57 5.44 -9.32 -15.86
CA ARG B 57 6.20 -9.15 -14.63
C ARG B 57 5.27 -9.14 -13.41
N LEU B 58 4.08 -8.57 -13.57
CA LEU B 58 3.09 -8.52 -12.50
C LEU B 58 2.66 -9.94 -12.13
N LEU B 59 2.24 -10.68 -13.15
CA LEU B 59 1.80 -12.07 -12.98
C LEU B 59 2.87 -12.92 -12.30
N ARG B 60 4.09 -12.85 -12.79
CA ARG B 60 5.19 -13.61 -12.22
C ARG B 60 5.24 -13.40 -10.70
N HIS B 61 5.11 -12.14 -10.29
CA HIS B 61 5.14 -11.81 -8.87
C HIS B 61 3.93 -12.46 -8.18
N LEU B 62 2.81 -12.47 -8.88
CA LEU B 62 1.59 -13.05 -8.34
C LEU B 62 1.58 -14.59 -8.35
N VAL B 63 2.40 -15.23 -9.18
CA VAL B 63 2.43 -16.68 -9.16
C VAL B 63 3.25 -17.02 -7.92
N ALA B 64 4.22 -16.15 -7.64
CA ALA B 64 5.09 -16.30 -6.49
C ALA B 64 4.30 -16.15 -5.18
N VAL B 65 3.33 -15.24 -5.19
CA VAL B 65 2.50 -15.01 -4.01
C VAL B 65 1.64 -16.25 -3.79
N GLY B 66 1.26 -16.89 -4.90
CA GLY B 66 0.43 -18.08 -4.82
C GLY B 66 -0.97 -17.86 -5.35
N LEU B 67 -1.10 -16.95 -6.30
CA LEU B 67 -2.42 -16.68 -6.87
C LEU B 67 -2.54 -17.27 -8.25
N PHE B 68 -1.41 -17.43 -8.93
CA PHE B 68 -1.42 -17.99 -10.27
C PHE B 68 -0.33 -19.03 -10.42
N THR B 69 -0.42 -19.79 -11.51
CA THR B 69 0.54 -20.83 -11.85
C THR B 69 0.95 -20.56 -13.27
N ARG B 70 2.21 -20.82 -13.59
CA ARG B 70 2.73 -20.60 -14.93
C ARG B 70 3.65 -21.75 -15.29
N ASP B 71 3.63 -22.14 -16.56
CA ASP B 71 4.46 -23.26 -16.98
C ASP B 71 4.79 -23.31 -18.46
N GLY B 72 5.76 -24.16 -18.76
CA GLY B 72 6.19 -24.36 -20.12
C GLY B 72 6.36 -23.08 -20.88
N GLN B 73 5.44 -22.83 -21.82
CA GLN B 73 5.50 -21.64 -22.65
C GLN B 73 4.79 -20.45 -22.04
N GLY B 74 4.81 -20.36 -20.71
CA GLY B 74 4.18 -19.24 -20.04
C GLY B 74 2.67 -19.21 -20.07
N VAL B 75 2.07 -20.35 -19.75
CA VAL B 75 0.61 -20.46 -19.71
C VAL B 75 0.18 -20.32 -18.24
N TYR B 76 -0.60 -19.27 -17.97
CA TYR B 76 -1.05 -19.00 -16.61
C TYR B 76 -2.35 -19.68 -16.24
N GLY B 77 -2.45 -20.07 -14.97
CA GLY B 77 -3.64 -20.72 -14.47
C GLY B 77 -3.90 -20.37 -13.02
N LEU B 78 -5.16 -20.10 -12.68
CA LEU B 78 -5.52 -19.75 -11.32
C LEU B 78 -5.21 -20.91 -10.38
N THR B 79 -4.83 -20.59 -9.15
CA THR B 79 -4.56 -21.64 -8.18
C THR B 79 -5.82 -21.69 -7.35
N GLU B 80 -5.87 -22.62 -6.40
CA GLU B 80 -7.04 -22.75 -5.53
C GLU B 80 -7.35 -21.39 -4.91
N PHE B 81 -6.34 -20.53 -4.85
CA PHE B 81 -6.46 -19.20 -4.27
C PHE B 81 -6.86 -18.17 -5.32
N GLY B 82 -6.04 -18.03 -6.35
CA GLY B 82 -6.33 -17.08 -7.41
C GLY B 82 -7.77 -17.13 -7.88
N GLU B 83 -8.43 -18.25 -7.57
CA GLU B 83 -9.82 -18.44 -7.94
C GLU B 83 -10.67 -17.31 -7.38
N GLN B 84 -10.40 -16.91 -6.14
CA GLN B 84 -11.18 -15.86 -5.51
C GLN B 84 -11.07 -14.52 -6.22
N LEU B 85 -10.21 -14.41 -7.22
CA LEU B 85 -10.04 -13.15 -7.94
C LEU B 85 -11.04 -12.92 -9.07
N ARG B 86 -11.72 -13.97 -9.48
CA ARG B 86 -12.70 -13.82 -10.57
C ARG B 86 -14.02 -13.30 -10.07
N ASP B 87 -14.60 -12.39 -10.84
CA ASP B 87 -15.86 -11.74 -10.51
C ASP B 87 -16.98 -12.67 -10.06
N ASP B 88 -17.09 -13.83 -10.72
CA ASP B 88 -18.13 -14.81 -10.42
C ASP B 88 -17.84 -15.74 -9.25
N HIS B 89 -17.03 -15.28 -8.30
CA HIS B 89 -16.72 -16.10 -7.15
C HIS B 89 -17.73 -15.82 -6.05
N ALA B 90 -17.95 -16.80 -5.19
CA ALA B 90 -18.91 -16.69 -4.09
C ALA B 90 -18.63 -15.50 -3.19
N ALA B 91 -17.39 -15.39 -2.73
CA ALA B 91 -16.95 -14.32 -1.83
C ALA B 91 -17.29 -12.95 -2.41
N GLY B 92 -16.97 -12.75 -3.68
CA GLY B 92 -17.25 -11.49 -4.34
C GLY B 92 -16.30 -10.43 -3.84
N LYS B 93 -15.03 -10.77 -3.78
CA LYS B 93 -14.01 -9.87 -3.29
C LYS B 93 -13.42 -8.96 -4.36
N ARG B 94 -13.26 -9.46 -5.57
CA ARG B 94 -12.70 -8.67 -6.65
C ARG B 94 -13.27 -7.25 -6.74
N LYS B 95 -14.57 -7.10 -6.50
CA LYS B 95 -15.18 -5.78 -6.57
C LYS B 95 -14.66 -4.82 -5.53
N TRP B 96 -14.36 -5.33 -4.32
CA TRP B 96 -13.83 -4.48 -3.26
C TRP B 96 -12.39 -4.05 -3.58
N LEU B 97 -11.66 -4.91 -4.28
CA LEU B 97 -10.27 -4.66 -4.64
C LEU B 97 -10.11 -3.81 -5.90
N ASP B 98 -11.04 -3.99 -6.84
CA ASP B 98 -11.02 -3.27 -8.10
C ASP B 98 -10.80 -1.80 -7.79
N MET B 99 -9.86 -1.16 -8.48
CA MET B 99 -9.60 0.24 -8.23
C MET B 99 -10.61 1.21 -8.81
N ASN B 100 -11.71 0.71 -9.31
CA ASN B 100 -12.70 1.61 -9.87
C ASN B 100 -13.90 1.71 -8.96
N SER B 101 -14.05 0.76 -8.03
CA SER B 101 -15.17 0.79 -7.08
C SER B 101 -14.88 1.86 -6.04
N ALA B 102 -15.88 2.26 -5.27
CA ALA B 102 -15.65 3.27 -4.27
C ALA B 102 -14.56 2.83 -3.31
N VAL B 103 -14.71 1.64 -2.75
CA VAL B 103 -13.74 1.12 -1.78
C VAL B 103 -12.35 0.83 -2.35
N GLY B 104 -12.30 0.25 -3.54
CA GLY B 104 -11.01 -0.07 -4.13
C GLY B 104 -10.20 1.17 -4.42
N ARG B 105 -10.90 2.24 -4.75
CA ARG B 105 -10.26 3.50 -5.03
C ARG B 105 -9.93 4.16 -3.67
N GLY B 106 -10.92 4.27 -2.79
CA GLY B 106 -10.72 4.86 -1.48
C GLY B 106 -9.63 4.25 -0.61
N ASP B 107 -9.42 2.94 -0.70
CA ASP B 107 -8.38 2.30 0.12
C ASP B 107 -6.99 2.78 -0.26
N LEU B 108 -6.82 3.29 -1.47
CA LEU B 108 -5.53 3.80 -1.87
C LEU B 108 -5.27 5.08 -1.09
N GLY B 109 -6.31 5.54 -0.40
CA GLY B 109 -6.17 6.76 0.38
C GLY B 109 -5.29 6.49 1.59
N PHE B 110 -4.97 5.22 1.79
CA PHE B 110 -4.13 4.80 2.88
C PHE B 110 -2.71 5.34 2.72
N VAL B 111 -2.26 5.56 1.48
CA VAL B 111 -0.91 6.10 1.31
C VAL B 111 -0.77 7.43 2.06
N GLU B 112 -1.87 8.10 2.35
CA GLU B 112 -1.80 9.34 3.10
C GLU B 112 -2.13 9.12 4.57
N LEU B 113 -1.99 7.88 5.05
CA LEU B 113 -2.31 7.57 6.44
C LEU B 113 -1.56 8.52 7.38
N ALA B 114 -0.30 8.79 7.04
CA ALA B 114 0.53 9.67 7.86
C ALA B 114 -0.20 10.95 8.23
N HIS B 115 -0.94 11.49 7.29
CA HIS B 115 -1.67 12.72 7.55
C HIS B 115 -2.66 12.53 8.68
N SER B 116 -3.49 11.51 8.54
CA SER B 116 -4.49 11.22 9.54
C SER B 116 -3.88 11.07 10.90
N ILE B 117 -2.84 10.26 10.99
CA ILE B 117 -2.22 10.04 12.28
C ILE B 117 -1.54 11.26 12.87
N ARG B 118 -1.23 12.25 12.03
CA ARG B 118 -0.60 13.46 12.52
C ARG B 118 -1.61 14.53 12.90
N THR B 119 -2.80 14.50 12.30
CA THR B 119 -3.81 15.52 12.55
C THR B 119 -5.21 15.04 12.92
N GLY B 120 -5.43 13.73 12.97
CA GLY B 120 -6.75 13.21 13.30
C GLY B 120 -7.79 13.55 12.24
N GLN B 121 -7.34 13.83 11.02
CA GLN B 121 -8.24 14.17 9.92
C GLN B 121 -8.25 13.09 8.84
N PRO B 122 -9.31 13.05 8.02
CA PRO B 122 -9.35 12.02 6.98
C PRO B 122 -8.20 12.22 6.00
N ALA B 123 -7.77 11.12 5.39
CA ALA B 123 -6.66 11.14 4.46
C ALA B 123 -7.17 11.02 3.02
N TYR B 124 -8.40 10.57 2.88
CA TYR B 124 -9.00 10.42 1.56
C TYR B 124 -8.89 11.72 0.80
N PRO B 125 -9.30 12.84 1.43
CA PRO B 125 -9.22 14.14 0.76
C PRO B 125 -7.83 14.52 0.30
N VAL B 126 -6.81 14.24 1.13
CA VAL B 126 -5.43 14.57 0.77
C VAL B 126 -5.10 13.92 -0.58
N ARG B 127 -5.68 12.76 -0.83
CA ARG B 127 -5.44 12.07 -2.09
C ARG B 127 -6.39 12.48 -3.21
N TYR B 128 -7.67 12.64 -2.91
CA TYR B 128 -8.63 13.00 -3.95
C TYR B 128 -9.18 14.42 -3.83
N GLY B 129 -8.48 15.26 -3.09
CA GLY B 129 -8.92 16.64 -2.94
C GLY B 129 -10.38 16.91 -2.65
N THR B 130 -11.07 15.96 -2.01
CA THR B 130 -12.46 16.16 -1.68
C THR B 130 -12.94 15.07 -0.71
N SER B 131 -14.06 15.31 -0.05
CA SER B 131 -14.56 14.31 0.87
C SER B 131 -15.08 13.12 0.08
N PHE B 132 -15.20 11.98 0.75
CA PHE B 132 -15.68 10.76 0.12
C PHE B 132 -17.09 10.93 -0.42
N TRP B 133 -17.98 11.47 0.41
CA TRP B 133 -19.36 11.66 0.00
C TRP B 133 -19.48 12.70 -1.12
N GLU B 134 -18.70 13.77 -1.02
CA GLU B 134 -18.74 14.79 -2.06
C GLU B 134 -18.36 14.15 -3.38
N ASP B 135 -17.37 13.26 -3.33
CA ASP B 135 -16.89 12.54 -4.50
C ASP B 135 -17.97 11.66 -5.09
N LEU B 136 -18.64 10.89 -4.22
CA LEU B 136 -19.71 9.99 -4.64
C LEU B 136 -20.93 10.77 -5.09
N GLY B 137 -21.11 11.95 -4.51
CA GLY B 137 -22.24 12.79 -4.86
C GLY B 137 -22.11 13.43 -6.22
N SER B 138 -20.89 13.48 -6.75
CA SER B 138 -20.64 14.09 -8.06
C SER B 138 -20.15 13.09 -9.09
N ASP B 139 -20.30 11.80 -8.79
CA ASP B 139 -19.87 10.75 -9.69
C ASP B 139 -20.96 9.73 -9.37
N PRO B 140 -21.95 9.59 -10.29
CA PRO B 140 -23.07 8.66 -10.14
C PRO B 140 -22.60 7.23 -10.29
N VAL B 141 -21.66 7.00 -11.19
CA VAL B 141 -21.18 5.64 -11.35
C VAL B 141 -20.41 5.16 -10.12
N LEU B 142 -19.63 6.08 -9.53
CA LEU B 142 -18.85 5.77 -8.35
C LEU B 142 -19.81 5.52 -7.21
N SER B 143 -20.76 6.43 -7.02
CA SER B 143 -21.75 6.27 -5.97
C SER B 143 -22.52 4.97 -6.17
N ALA B 144 -22.77 4.61 -7.42
CA ALA B 144 -23.51 3.37 -7.72
C ALA B 144 -22.76 2.17 -7.15
N SER B 145 -21.45 2.14 -7.42
CA SER B 145 -20.59 1.04 -6.95
C SER B 145 -20.58 0.94 -5.43
N PHE B 146 -20.59 2.09 -4.75
CA PHE B 146 -20.59 2.04 -3.29
C PHE B 146 -21.89 1.36 -2.84
N ASP B 147 -23.02 1.76 -3.42
CA ASP B 147 -24.31 1.16 -3.07
C ASP B 147 -24.25 -0.35 -3.23
N THR B 148 -23.57 -0.79 -4.28
CA THR B 148 -23.44 -2.20 -4.56
C THR B 148 -22.61 -2.90 -3.47
N LEU B 149 -21.49 -2.30 -3.11
CA LEU B 149 -20.63 -2.88 -2.09
C LEU B 149 -21.33 -2.93 -0.73
N MET B 150 -22.04 -1.88 -0.38
CA MET B 150 -22.74 -1.86 0.90
C MET B 150 -23.84 -2.89 0.87
N SER B 151 -24.47 -3.06 -0.27
CA SER B 151 -25.52 -4.06 -0.41
C SER B 151 -24.93 -5.43 -0.12
N HIS B 152 -23.72 -5.66 -0.60
CA HIS B 152 -23.00 -6.90 -0.41
C HIS B 152 -22.67 -7.12 1.08
N HIS B 153 -22.34 -6.06 1.79
CA HIS B 153 -22.01 -6.17 3.21
C HIS B 153 -23.23 -6.57 4.04
N LEU B 154 -24.41 -6.24 3.56
CA LEU B 154 -25.64 -6.59 4.27
C LEU B 154 -25.70 -8.10 4.40
N GLU B 155 -25.27 -8.79 3.35
CA GLU B 155 -25.26 -10.25 3.34
C GLU B 155 -24.18 -10.81 4.26
N LEU B 156 -22.94 -10.40 4.01
CA LEU B 156 -21.81 -10.84 4.80
C LEU B 156 -22.03 -10.66 6.30
N ASP B 157 -22.71 -9.59 6.71
CA ASP B 157 -22.91 -9.30 8.14
C ASP B 157 -24.29 -9.50 8.77
N TYR B 158 -25.33 -8.93 8.17
CA TYR B 158 -26.68 -8.99 8.72
C TYR B 158 -27.49 -10.25 8.43
N THR B 159 -26.82 -11.39 8.36
CA THR B 159 -27.50 -12.65 8.08
C THR B 159 -28.56 -12.96 9.16
N GLY B 160 -29.82 -13.08 8.73
CA GLY B 160 -30.91 -13.38 9.63
C GLY B 160 -31.24 -12.30 10.67
N ILE B 161 -30.95 -11.05 10.35
CA ILE B 161 -31.19 -9.94 11.28
C ILE B 161 -32.68 -9.66 11.48
N ALA B 162 -33.47 -10.01 10.47
CA ALA B 162 -34.91 -9.80 10.51
C ALA B 162 -35.49 -10.48 11.74
N ALA B 163 -35.02 -11.71 11.98
CA ALA B 163 -35.47 -12.50 13.12
C ALA B 163 -34.92 -12.05 14.48
N LYS B 164 -33.61 -11.77 14.52
CA LYS B 164 -32.95 -11.37 15.75
C LYS B 164 -33.54 -10.18 16.52
N TYR B 165 -34.53 -9.50 15.95
CA TYR B 165 -35.14 -8.36 16.64
C TYR B 165 -36.63 -8.33 16.37
N ASP B 166 -37.37 -7.65 17.23
CA ASP B 166 -38.80 -7.55 17.07
C ASP B 166 -39.14 -6.32 16.23
N TRP B 167 -38.98 -6.48 14.92
CA TRP B 167 -39.22 -5.41 13.98
C TRP B 167 -40.70 -5.05 13.85
N ALA B 168 -41.51 -6.06 13.55
CA ALA B 168 -42.95 -5.87 13.40
C ALA B 168 -43.50 -4.94 14.48
N ALA B 169 -43.06 -5.15 15.72
CA ALA B 169 -43.53 -4.35 16.84
C ALA B 169 -43.35 -2.85 16.62
N LEU B 170 -42.54 -2.49 15.63
CA LEU B 170 -42.27 -1.08 15.35
C LEU B 170 -43.30 -0.43 14.44
N GLY B 171 -43.98 -1.25 13.64
CA GLY B 171 -44.98 -0.73 12.72
C GLY B 171 -44.38 -0.10 11.48
N HIS B 172 -43.67 1.00 11.69
CA HIS B 172 -43.03 1.72 10.60
C HIS B 172 -41.61 2.17 10.98
N VAL B 173 -40.61 1.76 10.19
CA VAL B 173 -39.21 2.14 10.45
C VAL B 173 -38.57 3.02 9.40
N VAL B 174 -37.81 3.99 9.87
CA VAL B 174 -37.09 4.91 9.00
C VAL B 174 -35.66 4.39 9.01
N ASP B 175 -35.12 4.04 7.86
CA ASP B 175 -33.74 3.57 7.79
C ASP B 175 -32.87 4.80 7.45
N VAL B 176 -32.48 5.54 8.49
CA VAL B 176 -31.67 6.75 8.33
C VAL B 176 -30.33 6.43 7.73
N GLY B 177 -30.16 6.80 6.48
CA GLY B 177 -28.93 6.51 5.76
C GLY B 177 -28.95 5.08 5.23
N GLY B 178 -30.13 4.48 5.14
CA GLY B 178 -30.21 3.12 4.65
C GLY B 178 -30.15 2.97 3.14
N GLY B 179 -29.18 3.62 2.52
CA GLY B 179 -29.06 3.60 1.06
C GLY B 179 -29.19 2.30 0.29
N SER B 180 -29.93 2.38 -0.80
CA SER B 180 -30.12 1.28 -1.75
C SER B 180 -31.18 0.32 -1.28
N GLY B 181 -31.77 0.60 -0.12
CA GLY B 181 -32.89 -0.17 0.39
C GLY B 181 -32.72 -1.67 0.47
N GLY B 182 -31.56 -2.18 0.87
CA GLY B 182 -31.43 -3.62 0.94
C GLY B 182 -31.93 -4.09 2.30
N LEU B 183 -31.49 -3.44 3.36
CA LEU B 183 -31.91 -3.81 4.70
C LEU B 183 -33.41 -3.65 4.91
N LEU B 184 -33.95 -2.47 4.60
CA LEU B 184 -35.38 -2.23 4.78
C LEU B 184 -36.17 -3.27 3.98
N SER B 185 -35.66 -3.55 2.77
CA SER B 185 -36.27 -4.53 1.90
C SER B 185 -36.32 -5.88 2.60
N ALA B 186 -35.17 -6.35 3.06
CA ALA B 186 -35.09 -7.64 3.75
C ALA B 186 -35.93 -7.65 5.03
N LEU B 187 -36.17 -6.47 5.57
CA LEU B 187 -36.94 -6.32 6.78
C LEU B 187 -38.43 -6.43 6.52
N LEU B 188 -38.91 -5.75 5.48
CA LEU B 188 -40.33 -5.76 5.12
C LEU B 188 -40.70 -7.08 4.48
N THR B 189 -39.83 -7.58 3.62
CA THR B 189 -40.12 -8.84 2.96
C THR B 189 -40.27 -9.94 4.00
N ALA B 190 -39.66 -9.74 5.16
CA ALA B 190 -39.74 -10.74 6.23
C ALA B 190 -40.83 -10.44 7.27
N HIS B 191 -41.34 -9.22 7.27
CA HIS B 191 -42.38 -8.83 8.22
C HIS B 191 -43.46 -8.01 7.53
N GLU B 192 -44.45 -8.66 6.93
CA GLU B 192 -45.55 -7.93 6.28
C GLU B 192 -46.19 -7.09 7.39
N ASP B 193 -47.17 -6.25 7.09
CA ASP B 193 -47.78 -5.44 8.14
C ASP B 193 -46.81 -4.39 8.64
N LEU B 194 -45.57 -4.47 8.20
CA LEU B 194 -44.54 -3.52 8.60
C LEU B 194 -44.25 -2.64 7.39
N SER B 195 -44.08 -1.35 7.64
CA SER B 195 -43.79 -0.41 6.57
C SER B 195 -42.51 0.36 6.92
N GLY B 196 -41.90 0.98 5.92
CA GLY B 196 -40.69 1.72 6.18
C GLY B 196 -40.37 2.82 5.19
N THR B 197 -39.33 3.58 5.53
CA THR B 197 -38.87 4.68 4.72
C THR B 197 -37.34 4.70 4.72
N VAL B 198 -36.75 4.70 3.53
CA VAL B 198 -35.29 4.77 3.40
C VAL B 198 -34.96 6.23 3.24
N LEU B 199 -34.06 6.74 4.07
CA LEU B 199 -33.68 8.13 3.93
C LEU B 199 -32.21 8.18 3.57
N ASP B 200 -31.89 8.80 2.46
CA ASP B 200 -30.51 8.89 2.04
C ASP B 200 -30.42 9.99 0.99
N LEU B 201 -29.26 10.10 0.35
CA LEU B 201 -29.04 11.12 -0.66
C LEU B 201 -29.66 10.66 -1.97
N GLN B 202 -29.75 11.58 -2.94
CA GLN B 202 -30.34 11.27 -4.25
C GLN B 202 -29.87 9.92 -4.77
N GLY B 203 -28.55 9.78 -4.90
CA GLY B 203 -27.99 8.54 -5.40
C GLY B 203 -28.61 7.28 -4.83
N PRO B 204 -28.33 6.97 -3.56
CA PRO B 204 -28.88 5.77 -2.92
C PRO B 204 -30.39 5.73 -2.89
N ALA B 205 -31.02 6.86 -2.55
CA ALA B 205 -32.48 6.94 -2.50
C ALA B 205 -33.11 6.56 -3.84
N SER B 206 -32.46 6.95 -4.92
CA SER B 206 -32.93 6.64 -6.25
C SER B 206 -32.84 5.12 -6.50
N ALA B 207 -31.83 4.47 -5.91
CA ALA B 207 -31.63 3.03 -6.05
C ALA B 207 -32.54 2.26 -5.11
N ALA B 208 -32.85 2.86 -3.97
CA ALA B 208 -33.73 2.20 -3.03
C ALA B 208 -35.09 2.10 -3.68
N HIS B 209 -35.53 3.23 -4.23
CA HIS B 209 -36.82 3.32 -4.90
C HIS B 209 -36.92 2.33 -6.05
N ARG B 210 -35.90 2.31 -6.89
CA ARG B 210 -35.88 1.39 -8.01
C ARG B 210 -36.05 -0.04 -7.48
N ARG B 211 -35.39 -0.32 -6.36
CA ARG B 211 -35.43 -1.63 -5.73
C ARG B 211 -36.84 -1.99 -5.31
N PHE B 212 -37.46 -1.12 -4.51
CA PHE B 212 -38.81 -1.41 -4.05
C PHE B 212 -39.80 -1.57 -5.20
N LEU B 213 -39.63 -0.83 -6.29
CA LEU B 213 -40.54 -0.95 -7.41
C LEU B 213 -40.49 -2.34 -7.99
N ASP B 214 -39.30 -2.92 -8.07
CA ASP B 214 -39.12 -4.27 -8.63
C ASP B 214 -39.43 -5.41 -7.70
N THR B 215 -39.18 -5.24 -6.42
CA THR B 215 -39.46 -6.32 -5.48
C THR B 215 -40.91 -6.21 -5.04
N GLY B 216 -41.66 -5.33 -5.70
CA GLY B 216 -43.05 -5.12 -5.35
C GLY B 216 -43.28 -4.73 -3.90
N LEU B 217 -42.47 -3.81 -3.39
CA LEU B 217 -42.58 -3.35 -2.01
C LEU B 217 -42.97 -1.87 -1.89
N SER B 218 -43.22 -1.25 -3.03
CA SER B 218 -43.59 0.17 -3.09
C SER B 218 -44.82 0.49 -2.27
N GLY B 219 -45.59 -0.54 -1.90
CA GLY B 219 -46.77 -0.32 -1.10
C GLY B 219 -46.47 -0.04 0.37
N ARG B 220 -45.38 -0.61 0.87
CA ARG B 220 -44.96 -0.43 2.27
C ARG B 220 -43.61 0.27 2.38
N ALA B 221 -42.94 0.37 1.23
CA ALA B 221 -41.62 0.98 1.16
C ALA B 221 -41.66 2.39 0.60
N GLN B 222 -41.15 3.33 1.36
CA GLN B 222 -41.11 4.73 0.92
C GLN B 222 -39.66 5.24 0.92
N VAL B 223 -39.37 6.19 0.04
CA VAL B 223 -38.03 6.77 -0.05
C VAL B 223 -38.14 8.27 0.15
N VAL B 224 -37.13 8.87 0.74
CA VAL B 224 -37.13 10.31 0.97
C VAL B 224 -35.72 10.85 0.89
N VAL B 225 -35.43 11.64 -0.14
CA VAL B 225 -34.08 12.19 -0.31
C VAL B 225 -33.84 13.33 0.67
N GLY B 226 -32.73 13.23 1.42
CA GLY B 226 -32.39 14.26 2.39
C GLY B 226 -31.20 13.90 3.25
N SER B 227 -30.66 14.90 3.96
CA SER B 227 -29.51 14.72 4.84
C SER B 227 -30.00 14.32 6.23
N PHE B 228 -29.33 13.37 6.89
CA PHE B 228 -29.75 12.98 8.23
C PHE B 228 -29.27 14.01 9.27
N PHE B 229 -28.76 15.14 8.77
CA PHE B 229 -28.31 16.21 9.64
C PHE B 229 -29.46 17.21 9.81
N ASP B 230 -30.49 17.06 8.99
CA ASP B 230 -31.68 17.91 9.04
C ASP B 230 -32.83 17.07 9.59
N PRO B 231 -33.95 17.73 9.96
CA PRO B 231 -35.10 16.99 10.48
C PRO B 231 -35.45 15.78 9.63
N LEU B 232 -35.78 14.68 10.29
CA LEU B 232 -36.11 13.43 9.62
C LEU B 232 -37.61 13.21 9.60
N PRO B 233 -38.08 12.27 8.77
CA PRO B 233 -39.52 11.96 8.71
C PRO B 233 -39.91 11.57 10.14
N ALA B 234 -40.57 12.47 10.87
CA ALA B 234 -40.92 12.22 12.25
C ALA B 234 -42.06 11.25 12.56
N GLY B 235 -42.06 10.79 13.81
CA GLY B 235 -43.07 9.90 14.33
C GLY B 235 -43.03 8.42 13.99
N ALA B 236 -41.89 7.91 13.55
CA ALA B 236 -41.85 6.50 13.20
C ALA B 236 -41.67 5.62 14.44
N GLY B 237 -41.97 4.33 14.28
CA GLY B 237 -41.81 3.40 15.39
C GLY B 237 -40.34 3.21 15.70
N GLY B 238 -39.52 3.17 14.66
CA GLY B 238 -38.09 3.01 14.83
C GLY B 238 -37.27 3.74 13.80
N TYR B 239 -36.06 4.13 14.21
CA TYR B 239 -35.09 4.82 13.35
C TYR B 239 -33.79 4.01 13.37
N VAL B 240 -33.47 3.41 12.24
CA VAL B 240 -32.25 2.61 12.16
C VAL B 240 -31.07 3.39 11.60
N LEU B 241 -29.94 3.24 12.28
CA LEU B 241 -28.68 3.86 11.87
C LEU B 241 -27.78 2.66 11.62
N SER B 242 -27.82 2.16 10.39
CA SER B 242 -27.04 0.99 10.00
C SER B 242 -25.73 1.30 9.27
N ALA B 243 -24.62 1.06 9.96
CA ALA B 243 -23.31 1.29 9.36
C ALA B 243 -23.16 2.77 9.00
N VAL B 244 -23.68 3.63 9.86
CA VAL B 244 -23.60 5.06 9.64
C VAL B 244 -22.69 5.76 10.66
N LEU B 245 -23.00 5.58 11.94
CA LEU B 245 -22.24 6.22 13.01
C LEU B 245 -20.72 6.10 12.93
N HIS B 246 -20.21 4.93 12.54
CA HIS B 246 -18.76 4.76 12.47
C HIS B 246 -18.14 5.52 11.30
N ASP B 247 -18.99 6.03 10.41
CA ASP B 247 -18.54 6.79 9.26
C ASP B 247 -18.31 8.25 9.66
N TRP B 248 -18.72 8.61 10.88
CA TRP B 248 -18.58 10.00 11.36
C TRP B 248 -17.78 10.23 12.63
N ASP B 249 -17.32 11.47 12.80
CA ASP B 249 -16.59 11.83 13.99
C ASP B 249 -17.62 11.93 15.11
N ASP B 250 -17.17 12.19 16.33
CA ASP B 250 -18.07 12.30 17.47
C ASP B 250 -19.12 13.40 17.33
N LEU B 251 -18.68 14.63 17.07
CA LEU B 251 -19.62 15.72 16.93
C LEU B 251 -20.75 15.39 15.97
N SER B 252 -20.40 14.98 14.75
CA SER B 252 -21.37 14.62 13.72
C SER B 252 -22.28 13.49 14.21
N ALA B 253 -21.69 12.45 14.78
CA ALA B 253 -22.47 11.32 15.26
C ALA B 253 -23.57 11.69 16.25
N VAL B 254 -23.32 12.65 17.14
CA VAL B 254 -24.36 13.03 18.10
C VAL B 254 -25.42 13.85 17.38
N ALA B 255 -24.98 14.64 16.40
CA ALA B 255 -25.89 15.44 15.60
C ALA B 255 -26.88 14.45 14.96
N ILE B 256 -26.32 13.48 14.23
CA ILE B 256 -27.12 12.45 13.58
C ILE B 256 -28.04 11.78 14.62
N LEU B 257 -27.48 11.45 15.77
CA LEU B 257 -28.26 10.81 16.83
C LEU B 257 -29.42 11.70 17.32
N ARG B 258 -29.14 12.99 17.56
CA ARG B 258 -30.19 13.89 18.01
C ARG B 258 -31.37 13.95 17.03
N ARG B 259 -31.06 14.02 15.74
CA ARG B 259 -32.12 14.06 14.74
C ARG B 259 -33.02 12.86 14.91
N CYS B 260 -32.42 11.71 15.15
CA CYS B 260 -33.20 10.49 15.35
C CYS B 260 -33.99 10.59 16.65
N ALA B 261 -33.33 11.08 17.70
CA ALA B 261 -33.96 11.26 19.01
C ALA B 261 -35.21 12.11 18.83
N GLU B 262 -35.04 13.29 18.23
CA GLU B 262 -36.14 14.21 17.96
C GLU B 262 -37.29 13.56 17.19
N ALA B 263 -36.99 13.03 16.02
CA ALA B 263 -38.02 12.39 15.20
C ALA B 263 -38.67 11.23 15.93
N ALA B 264 -37.92 10.58 16.81
CA ALA B 264 -38.44 9.44 17.56
C ALA B 264 -39.31 9.83 18.75
N GLY B 265 -39.00 10.98 19.34
CA GLY B 265 -39.76 11.44 20.50
C GLY B 265 -39.75 10.45 21.64
N SER B 266 -40.76 10.53 22.50
CA SER B 266 -40.86 9.62 23.64
C SER B 266 -41.61 8.36 23.23
N GLY B 267 -41.78 8.16 21.93
CA GLY B 267 -42.51 6.99 21.48
C GLY B 267 -41.77 5.98 20.63
N GLY B 268 -40.62 6.36 20.09
CA GLY B 268 -39.90 5.42 19.26
C GLY B 268 -38.54 4.98 19.79
N VAL B 269 -37.87 4.14 19.01
CA VAL B 269 -36.55 3.64 19.36
C VAL B 269 -35.56 4.03 18.28
N VAL B 270 -34.31 4.16 18.67
CA VAL B 270 -33.24 4.47 17.74
C VAL B 270 -32.32 3.26 17.76
N LEU B 271 -32.37 2.46 16.70
CA LEU B 271 -31.56 1.25 16.61
C LEU B 271 -30.29 1.42 15.78
N VAL B 272 -29.13 1.49 16.42
CA VAL B 272 -27.90 1.59 15.64
C VAL B 272 -27.36 0.18 15.40
N ILE B 273 -27.29 -0.21 14.13
CA ILE B 273 -26.79 -1.53 13.78
C ILE B 273 -25.43 -1.33 13.17
N GLU B 274 -24.42 -1.69 13.93
CA GLU B 274 -23.04 -1.51 13.54
C GLU B 274 -22.20 -2.64 14.12
N ALA B 275 -20.90 -2.62 13.81
CA ALA B 275 -19.98 -3.60 14.35
C ALA B 275 -19.34 -2.88 15.52
N VAL B 276 -19.91 -3.01 16.70
CA VAL B 276 -19.34 -2.36 17.89
C VAL B 276 -17.96 -2.99 18.17
N ALA B 277 -17.06 -2.20 18.76
CA ALA B 277 -15.71 -2.68 19.06
C ALA B 277 -15.76 -3.98 19.87
N GLY B 278 -15.40 -5.08 19.23
CA GLY B 278 -15.42 -6.37 19.89
C GLY B 278 -15.97 -7.44 18.97
N ASP B 279 -16.86 -7.04 18.07
CA ASP B 279 -17.51 -7.95 17.12
C ASP B 279 -16.48 -8.64 16.22
N GLU B 280 -16.81 -9.83 15.73
CA GLU B 280 -15.91 -10.60 14.88
C GLU B 280 -15.78 -9.95 13.50
N HIS B 281 -16.44 -8.82 13.31
CA HIS B 281 -16.36 -8.11 12.05
C HIS B 281 -15.89 -6.67 12.26
N ALA B 282 -15.42 -6.40 13.47
CA ALA B 282 -14.92 -5.08 13.84
C ALA B 282 -13.46 -5.22 14.24
N GLY B 283 -12.56 -4.76 13.38
CA GLY B 283 -11.14 -4.85 13.69
C GLY B 283 -10.46 -3.50 13.81
N THR B 284 -9.16 -3.50 14.11
CA THR B 284 -8.41 -2.26 14.22
C THR B 284 -8.23 -1.73 12.81
N GLY B 285 -8.28 -2.63 11.84
CA GLY B 285 -8.13 -2.23 10.44
C GLY B 285 -9.35 -1.47 9.97
N MET B 286 -10.54 -1.90 10.38
CA MET B 286 -11.74 -1.21 9.97
C MET B 286 -11.70 0.19 10.57
N ASP B 287 -11.26 0.28 11.82
CA ASP B 287 -11.17 1.55 12.51
C ASP B 287 -10.20 2.49 11.78
N LEU B 288 -9.08 1.93 11.28
CA LEU B 288 -8.11 2.74 10.55
C LEU B 288 -8.72 3.24 9.24
N ARG B 289 -9.48 2.37 8.58
CA ARG B 289 -10.17 2.69 7.34
C ARG B 289 -11.15 3.83 7.64
N MET B 290 -11.88 3.70 8.74
CA MET B 290 -12.84 4.71 9.13
C MET B 290 -12.17 6.07 9.38
N LEU B 291 -10.97 6.03 9.95
CA LEU B 291 -10.22 7.25 10.23
C LEU B 291 -9.67 7.85 8.93
N THR B 292 -9.09 7.01 8.08
CA THR B 292 -8.54 7.51 6.83
C THR B 292 -9.62 8.03 5.85
N TYR B 293 -10.80 7.43 5.84
CA TYR B 293 -11.86 7.89 4.95
C TYR B 293 -12.57 9.16 5.40
N PHE B 294 -13.07 9.18 6.63
CA PHE B 294 -13.78 10.38 7.06
C PHE B 294 -13.43 10.86 8.44
N GLY B 295 -12.45 10.22 9.07
CA GLY B 295 -12.08 10.61 10.42
C GLY B 295 -13.15 10.06 11.35
N GLY B 296 -13.69 8.90 10.98
CA GLY B 296 -14.71 8.26 11.79
C GLY B 296 -13.96 7.30 12.69
N LYS B 297 -14.67 6.34 13.30
CA LYS B 297 -14.04 5.38 14.19
C LYS B 297 -14.98 4.28 14.63
N GLU B 298 -14.44 3.10 14.90
CA GLU B 298 -15.28 2.01 15.41
C GLU B 298 -15.42 2.37 16.88
N ARG B 299 -16.57 2.10 17.48
CA ARG B 299 -16.73 2.45 18.88
C ARG B 299 -17.21 1.28 19.72
N SER B 300 -17.03 1.41 21.02
CA SER B 300 -17.44 0.37 21.95
C SER B 300 -18.86 0.69 22.41
N LEU B 301 -19.49 -0.28 23.06
CA LEU B 301 -20.84 -0.11 23.57
C LEU B 301 -20.78 1.13 24.44
N ALA B 302 -19.68 1.25 25.17
CA ALA B 302 -19.44 2.37 26.06
C ALA B 302 -19.45 3.71 25.33
N GLU B 303 -18.56 3.82 24.35
CA GLU B 303 -18.44 5.05 23.56
C GLU B 303 -19.75 5.47 22.88
N LEU B 304 -20.54 4.50 22.45
CA LEU B 304 -21.83 4.80 21.82
C LEU B 304 -22.74 5.41 22.87
N GLY B 305 -22.67 4.87 24.08
CA GLY B 305 -23.48 5.37 25.17
C GLY B 305 -23.16 6.82 25.49
N GLU B 306 -21.87 7.16 25.49
CA GLU B 306 -21.44 8.53 25.78
C GLU B 306 -22.09 9.46 24.75
N LEU B 307 -22.18 9.00 23.50
CA LEU B 307 -22.81 9.77 22.42
C LEU B 307 -24.31 9.84 22.62
N ALA B 308 -24.95 8.69 22.79
CA ALA B 308 -26.38 8.65 23.00
C ALA B 308 -26.73 9.60 24.15
N ALA B 309 -25.85 9.62 25.14
CA ALA B 309 -26.04 10.48 26.30
C ALA B 309 -26.18 11.93 25.86
N GLN B 310 -25.26 12.37 25.00
CA GLN B 310 -25.29 13.74 24.51
C GLN B 310 -26.40 14.03 23.50
N ALA B 311 -27.24 13.04 23.22
CA ALA B 311 -28.31 13.24 22.28
C ALA B 311 -29.64 13.06 22.99
N GLY B 312 -29.58 12.78 24.29
CA GLY B 312 -30.81 12.59 25.04
C GLY B 312 -31.34 11.18 24.89
N LEU B 313 -30.45 10.25 24.57
CA LEU B 313 -30.82 8.86 24.41
C LEU B 313 -30.11 8.01 25.47
N ALA B 314 -30.46 6.74 25.53
CA ALA B 314 -29.84 5.84 26.50
C ALA B 314 -29.88 4.41 26.00
N VAL B 315 -28.72 3.75 25.98
CA VAL B 315 -28.67 2.38 25.52
C VAL B 315 -29.51 1.53 26.47
N ARG B 316 -30.46 0.75 25.94
CA ARG B 316 -31.28 -0.09 26.80
C ARG B 316 -31.05 -1.55 26.46
N ALA B 317 -30.52 -1.82 25.26
CA ALA B 317 -30.26 -3.19 24.84
C ALA B 317 -29.06 -3.23 23.90
N ALA B 318 -28.55 -4.45 23.74
CA ALA B 318 -27.50 -4.76 22.80
C ALA B 318 -27.64 -6.24 22.49
N HIS B 319 -28.20 -6.56 21.34
CA HIS B 319 -28.33 -7.97 20.96
C HIS B 319 -27.32 -8.18 19.86
N PRO B 320 -26.43 -9.15 20.02
CA PRO B 320 -25.41 -9.32 18.99
C PRO B 320 -26.01 -10.17 17.86
N ILE B 321 -25.88 -9.68 16.63
CA ILE B 321 -26.39 -10.41 15.48
C ILE B 321 -25.23 -11.26 15.00
N SER B 322 -25.27 -11.66 13.74
CA SER B 322 -24.22 -12.49 13.15
C SER B 322 -22.75 -12.13 13.32
N TYR B 323 -22.41 -10.88 13.05
CA TYR B 323 -21.03 -10.46 13.13
C TYR B 323 -21.01 -9.06 13.71
N VAL B 324 -22.19 -8.47 13.87
CA VAL B 324 -22.30 -7.12 14.40
C VAL B 324 -23.28 -7.05 15.56
N SER B 325 -23.71 -5.83 15.91
CA SER B 325 -24.63 -5.69 17.02
C SER B 325 -25.80 -4.76 16.72
N ILE B 326 -26.88 -4.92 17.49
CA ILE B 326 -28.04 -4.07 17.35
C ILE B 326 -28.13 -3.34 18.67
N VAL B 327 -27.66 -2.10 18.69
CA VAL B 327 -27.72 -1.32 19.91
C VAL B 327 -29.04 -0.55 19.88
N GLU B 328 -29.90 -0.81 20.85
CA GLU B 328 -31.19 -0.14 20.94
C GLU B 328 -31.19 1.01 21.96
N MET B 329 -31.54 2.21 21.50
CA MET B 329 -31.58 3.39 22.36
C MET B 329 -32.94 4.05 22.32
N THR B 330 -33.39 4.58 23.46
CA THR B 330 -34.66 5.29 23.55
C THR B 330 -34.35 6.61 24.23
N ALA B 331 -35.32 7.51 24.30
CA ALA B 331 -35.09 8.80 24.93
C ALA B 331 -34.95 8.60 26.43
N LEU B 332 -34.25 9.52 27.08
CA LEU B 332 -34.07 9.43 28.52
C LEU B 332 -34.85 10.57 29.21
#